data_6LUP
#
_entry.id   6LUP
#
_cell.length_a   125.859
_cell.length_b   125.859
_cell.length_c   132.473
_cell.angle_alpha   90.000
_cell.angle_beta   90.000
_cell.angle_gamma   120.000
#
_symmetry.space_group_name_H-M   'P 64'
#
loop_
_entity.id
_entity.type
_entity.pdbx_description
1 polymer 'MHC class I protein'
2 polymer Beta-2-microglobulin
3 polymer PHE-ALA-ASN-PHE-PHE-ILE-ARG-GLY-LEU
4 water water
#
loop_
_entity_poly.entity_id
_entity_poly.type
_entity_poly.pdbx_seq_one_letter_code
_entity_poly.pdbx_strand_id
1 'polypeptide(L)'
;GSHSLRYFFTWSTAGSGIPEFVAVGYVDDQQFVQYDSDRKEMIPRQRWVKESEGPEYWERETQTLRGWEPWGKANIDILS
KRTNQTGGIHTYQLMCGCELRDDGSSNTGFVQHAWDSTDFISLDKDKMVWVTPVTWGEITKNKWDRDMAFNQGTKGYLEG
ICIEWLQKYLKNGNVELRPVKPSVTFTSVRGNKQLSCVATGFYPHSIEVNLFRDSAKIDETESTGVRPNHDGSYQIHRST
EFDPNSQAKYSCVVDHDGLGQQLVVFY
;
A,D
2 'polypeptide(L)'
;ATSSPNVQVYTYKLIKEGESNVLLCHAKDFSPPNIKLELLENGRIIPNTTQSDLSFESDWSFKLTRYVEFTPQSGYKYSC
MVTHNGDSKEIQLDRY
;
B,E
3 'polypeptide(L)' FANFFIRGL C,F
#
# COMPACT_ATOMS: atom_id res chain seq x y z
N GLY A 1 -29.66 -8.64 -10.32
CA GLY A 1 -28.83 -7.46 -9.90
C GLY A 1 -28.31 -6.66 -11.08
N SER A 2 -28.38 -5.33 -10.92
CA SER A 2 -27.81 -4.38 -11.87
C SER A 2 -26.32 -4.19 -11.59
N HIS A 3 -25.51 -4.06 -12.65
CA HIS A 3 -24.07 -3.80 -12.51
C HIS A 3 -23.59 -2.73 -13.47
N SER A 4 -22.52 -2.01 -13.10
CA SER A 4 -22.01 -0.92 -13.93
C SER A 4 -20.48 -0.85 -14.02
N LEU A 5 -20.00 -0.33 -15.15
CA LEU A 5 -18.60 -0.02 -15.34
C LEU A 5 -18.49 1.45 -15.78
N ARG A 6 -17.90 2.29 -14.93
CA ARG A 6 -17.87 3.73 -15.18
C ARG A 6 -16.50 4.34 -14.97
N TYR A 7 -16.16 5.32 -15.81
CA TYR A 7 -14.89 6.03 -15.71
C TYR A 7 -15.10 7.53 -15.50
N PHE A 8 -14.24 8.14 -14.68
CA PHE A 8 -14.33 9.55 -14.33
C PHE A 8 -13.01 10.23 -14.60
N PHE A 9 -13.01 11.20 -15.51
CA PHE A 9 -11.81 11.92 -15.92
C PHE A 9 -11.87 13.35 -15.43
N THR A 10 -10.82 13.81 -14.75
CA THR A 10 -10.73 15.21 -14.34
C THR A 10 -9.43 15.84 -14.83
N TRP A 11 -9.57 16.90 -15.63
CA TRP A 11 -8.45 17.74 -16.02
C TRP A 11 -8.52 19.06 -15.25
N SER A 12 -7.44 19.38 -14.54
CA SER A 12 -7.33 20.65 -13.81
C SER A 12 -6.25 21.53 -14.39
N THR A 13 -6.46 22.84 -14.29
CA THR A 13 -5.48 23.81 -14.71
C THR A 13 -4.19 23.62 -13.90
N ALA A 14 -3.05 23.86 -14.54
CA ALA A 14 -1.76 23.77 -13.85
C ALA A 14 -1.81 24.69 -12.63
N GLY A 15 -1.69 24.09 -11.45
CA GLY A 15 -1.95 24.81 -10.21
C GLY A 15 -1.61 23.95 -9.01
N SER A 16 -2.19 24.30 -7.87
CA SER A 16 -1.76 23.72 -6.59
C SER A 16 -2.42 22.39 -6.23
N GLY A 17 -1.59 21.46 -5.76
CA GLY A 17 -2.04 20.27 -5.05
C GLY A 17 -2.38 19.08 -5.93
N ILE A 18 -3.32 19.31 -6.85
CA ILE A 18 -3.88 18.24 -7.66
C ILE A 18 -3.11 18.07 -8.97
N PRO A 19 -2.83 16.80 -9.36
CA PRO A 19 -2.27 16.49 -10.68
C PRO A 19 -3.17 17.03 -11.78
N GLU A 20 -2.56 17.49 -12.87
CA GLU A 20 -3.29 18.13 -13.98
C GLU A 20 -4.35 17.23 -14.63
N PHE A 21 -4.14 15.91 -14.52
CA PHE A 21 -5.07 14.92 -15.00
C PHE A 21 -5.14 13.76 -14.02
N VAL A 22 -6.36 13.39 -13.66
CA VAL A 22 -6.60 12.21 -12.84
C VAL A 22 -7.87 11.50 -13.31
N ALA A 23 -7.74 10.21 -13.58
CA ALA A 23 -8.86 9.37 -13.96
C ALA A 23 -9.00 8.19 -13.02
N VAL A 24 -10.24 7.78 -12.78
CA VAL A 24 -10.51 6.63 -11.93
C VAL A 24 -11.53 5.72 -12.61
N GLY A 25 -11.41 4.42 -12.37
CA GLY A 25 -12.36 3.44 -12.90
C GLY A 25 -13.10 2.70 -11.80
N TYR A 26 -14.39 2.48 -12.02
CA TYR A 26 -15.25 1.80 -11.05
C TYR A 26 -16.00 0.63 -11.66
N VAL A 27 -15.99 -0.50 -10.96
CA VAL A 27 -16.99 -1.54 -11.17
C VAL A 27 -17.99 -1.38 -10.03
N ASP A 28 -19.25 -1.11 -10.37
CA ASP A 28 -20.26 -0.77 -9.36
C ASP A 28 -19.74 0.39 -8.51
N ASP A 29 -19.70 0.20 -7.18
CA ASP A 29 -19.21 1.25 -6.28
C ASP A 29 -17.72 1.10 -5.93
N GLN A 30 -17.06 0.11 -6.51
CA GLN A 30 -15.68 -0.18 -6.13
C GLN A 30 -14.68 0.37 -7.16
N GLN A 31 -13.78 1.24 -6.70
CA GLN A 31 -12.71 1.74 -7.56
C GLN A 31 -11.71 0.62 -7.81
N PHE A 32 -11.32 0.43 -9.05
CA PHE A 32 -10.40 -0.67 -9.39
C PHE A 32 -9.15 -0.24 -10.14
N VAL A 33 -9.22 0.91 -10.82
CA VAL A 33 -8.05 1.47 -11.53
C VAL A 33 -7.90 2.97 -11.28
N GLN A 34 -6.69 3.46 -11.52
CA GLN A 34 -6.37 4.87 -11.37
C GLN A 34 -5.28 5.23 -12.36
N TYR A 35 -5.33 6.46 -12.85
CA TYR A 35 -4.28 7.05 -13.65
C TYR A 35 -4.14 8.52 -13.29
N ASP A 36 -2.90 9.02 -13.26
CA ASP A 36 -2.66 10.47 -13.16
C ASP A 36 -1.48 10.94 -13.99
N SER A 37 -1.44 12.26 -14.23
CA SER A 37 -0.46 12.89 -15.10
C SER A 37 0.95 13.01 -14.50
N ASP A 38 1.12 12.61 -13.24
CA ASP A 38 2.44 12.55 -12.63
C ASP A 38 3.10 11.19 -12.90
N ARG A 39 2.41 10.11 -12.53
CA ARG A 39 2.93 8.76 -12.73
C ARG A 39 2.78 8.29 -14.17
N LYS A 40 1.74 8.78 -14.85
CA LYS A 40 1.48 8.52 -16.27
C LYS A 40 1.31 7.03 -16.63
N GLU A 41 0.78 6.26 -15.69
CA GLU A 41 0.49 4.83 -15.91
C GLU A 41 -0.84 4.46 -15.28
N MET A 42 -1.58 3.58 -15.93
CA MET A 42 -2.79 3.04 -15.34
C MET A 42 -2.40 1.96 -14.32
N ILE A 43 -2.87 2.10 -13.09
CA ILE A 43 -2.48 1.19 -12.02
C ILE A 43 -3.70 0.58 -11.34
N PRO A 44 -3.55 -0.66 -10.82
CA PRO A 44 -4.65 -1.28 -10.07
C PRO A 44 -4.87 -0.64 -8.71
N ARG A 45 -6.14 -0.53 -8.34
CA ARG A 45 -6.54 -0.11 -7.00
C ARG A 45 -7.22 -1.28 -6.32
N GLN A 46 -7.25 -2.41 -7.02
CA GLN A 46 -7.80 -3.65 -6.50
C GLN A 46 -6.89 -4.81 -6.84
N ARG A 47 -6.88 -5.77 -5.93
CA ARG A 47 -6.03 -6.93 -6.08
C ARG A 47 -6.54 -7.88 -7.15
N TRP A 48 -7.86 -8.09 -7.19
CA TRP A 48 -8.44 -9.00 -8.17
C TRP A 48 -8.08 -8.63 -9.62
N VAL A 49 -8.11 -7.34 -9.93
CA VAL A 49 -7.75 -6.88 -11.26
C VAL A 49 -6.23 -6.95 -11.49
N LYS A 50 -5.47 -6.77 -10.41
CA LYS A 50 -4.01 -6.89 -10.49
C LYS A 50 -3.61 -8.32 -10.83
N GLU A 51 -4.28 -9.29 -10.20
CA GLU A 51 -4.02 -10.71 -10.40
C GLU A 51 -4.47 -11.20 -11.77
N SER A 52 -5.60 -10.68 -12.25
CA SER A 52 -6.28 -11.26 -13.40
C SER A 52 -5.97 -10.60 -14.72
N GLU A 53 -5.25 -9.48 -14.70
CA GLU A 53 -4.92 -8.79 -15.94
C GLU A 53 -3.42 -8.77 -16.19
N GLY A 54 -3.04 -9.34 -17.32
CA GLY A 54 -1.64 -9.46 -17.71
C GLY A 54 -1.05 -8.17 -18.23
N PRO A 55 0.25 -8.21 -18.60
CA PRO A 55 0.99 -7.05 -19.11
C PRO A 55 0.26 -6.26 -20.20
N GLU A 56 -0.35 -6.96 -21.15
CA GLU A 56 -1.01 -6.32 -22.29
C GLU A 56 -2.16 -5.40 -21.89
N TYR A 57 -2.91 -5.83 -20.88
CA TYR A 57 -3.99 -5.02 -20.35
C TYR A 57 -3.50 -3.68 -19.81
N TRP A 58 -2.45 -3.71 -18.98
CA TRP A 58 -1.94 -2.50 -18.35
C TRP A 58 -1.23 -1.61 -19.35
N GLU A 59 -0.54 -2.23 -20.31
CA GLU A 59 0.11 -1.51 -21.38
C GLU A 59 -0.91 -0.73 -22.21
N ARG A 60 -1.99 -1.39 -22.61
CA ARG A 60 -3.01 -0.73 -23.42
C ARG A 60 -3.78 0.34 -22.65
N GLU A 61 -4.18 0.03 -21.42
CA GLU A 61 -4.91 0.99 -20.60
C GLU A 61 -4.08 2.26 -20.35
N THR A 62 -2.78 2.09 -20.15
CA THR A 62 -1.87 3.21 -19.96
C THR A 62 -1.83 4.09 -21.22
N GLN A 63 -1.70 3.44 -22.37
CA GLN A 63 -1.65 4.16 -23.65
C GLN A 63 -2.93 4.95 -23.93
N THR A 64 -4.07 4.36 -23.64
CA THR A 64 -5.37 5.00 -23.83
C THR A 64 -5.42 6.31 -23.03
N LEU A 65 -5.04 6.22 -21.77
CA LEU A 65 -5.10 7.37 -20.87
C LEU A 65 -4.05 8.41 -21.24
N ARG A 66 -2.95 7.96 -21.81
CA ARG A 66 -1.92 8.86 -22.32
C ARG A 66 -2.45 9.72 -23.47
N GLY A 67 -3.38 9.17 -24.24
CA GLY A 67 -4.06 9.93 -25.30
C GLY A 67 -5.03 10.94 -24.72
N TRP A 68 -5.72 10.55 -23.64
CA TRP A 68 -6.69 11.42 -22.98
C TRP A 68 -6.02 12.60 -22.27
N GLU A 69 -4.81 12.38 -21.77
CA GLU A 69 -4.11 13.36 -20.92
C GLU A 69 -3.90 14.74 -21.58
N PRO A 70 -3.24 14.78 -22.76
CA PRO A 70 -3.10 16.07 -23.43
C PRO A 70 -4.44 16.65 -23.91
N TRP A 71 -5.34 15.76 -24.36
CA TRP A 71 -6.63 16.15 -24.91
C TRP A 71 -7.37 17.16 -24.01
N GLY A 72 -7.59 16.78 -22.76
CA GLY A 72 -8.30 17.61 -21.82
C GLY A 72 -7.60 18.91 -21.49
N LYS A 73 -6.27 18.89 -21.43
CA LYS A 73 -5.51 20.12 -21.24
C LYS A 73 -5.74 21.07 -22.40
N ALA A 74 -5.62 20.57 -23.63
CA ALA A 74 -5.92 21.36 -24.82
C ALA A 74 -7.33 21.94 -24.73
N ASN A 75 -8.28 21.15 -24.23
CA ASN A 75 -9.65 21.57 -24.05
C ASN A 75 -9.78 22.82 -23.19
N ILE A 76 -9.07 22.86 -22.05
CA ILE A 76 -9.20 24.00 -21.13
C ILE A 76 -8.80 25.31 -21.80
N ASP A 77 -7.79 25.27 -22.66
CA ASP A 77 -7.39 26.45 -23.43
C ASP A 77 -8.39 26.79 -24.51
N ILE A 78 -8.92 25.77 -25.19
CA ILE A 78 -9.91 25.96 -26.24
C ILE A 78 -11.18 26.64 -25.70
N LEU A 79 -11.68 26.13 -24.58
CA LEU A 79 -12.93 26.61 -24.00
C LEU A 79 -12.80 27.98 -23.31
N SER A 80 -11.60 28.28 -22.81
CA SER A 80 -11.31 29.59 -22.25
C SER A 80 -11.42 30.66 -23.33
N LYS A 81 -10.88 30.35 -24.51
CA LYS A 81 -10.98 31.24 -25.67
C LYS A 81 -12.42 31.42 -26.11
N ARG A 82 -13.19 30.34 -26.08
CA ARG A 82 -14.59 30.35 -26.49
C ARG A 82 -15.48 31.15 -25.56
N THR A 83 -15.15 31.13 -24.27
CA THR A 83 -15.94 31.83 -23.26
C THR A 83 -15.28 33.16 -22.86
N ASN A 84 -14.26 33.56 -23.62
CA ASN A 84 -13.47 34.77 -23.36
C ASN A 84 -12.94 34.84 -21.92
N GLN A 85 -12.71 33.69 -21.33
CA GLN A 85 -12.04 33.66 -20.01
C GLN A 85 -10.55 33.71 -20.32
N THR A 86 -9.74 34.31 -19.48
CA THR A 86 -8.33 34.37 -19.92
C THR A 86 -7.38 33.72 -18.92
N GLY A 87 -7.86 33.40 -17.74
CA GLY A 87 -6.92 32.74 -16.82
C GLY A 87 -7.63 32.27 -15.58
N GLY A 88 -6.89 31.91 -14.56
CA GLY A 88 -7.60 31.50 -13.34
C GLY A 88 -7.63 30.01 -13.24
N ILE A 89 -8.55 29.49 -12.42
CA ILE A 89 -8.53 28.06 -12.17
C ILE A 89 -9.69 27.40 -12.92
N HIS A 90 -9.37 26.43 -13.78
CA HIS A 90 -10.37 25.80 -14.64
C HIS A 90 -10.30 24.27 -14.70
N THR A 91 -11.42 23.66 -15.10
CA THR A 91 -11.59 22.21 -15.04
C THR A 91 -12.29 21.68 -16.29
N TYR A 92 -11.86 20.49 -16.73
CA TYR A 92 -12.63 19.70 -17.66
C TYR A 92 -12.95 18.35 -17.04
N GLN A 93 -14.14 17.83 -17.31
CA GLN A 93 -14.58 16.55 -16.77
C GLN A 93 -15.23 15.67 -17.82
N LEU A 94 -14.99 14.37 -17.72
CA LEU A 94 -15.62 13.40 -18.59
C LEU A 94 -16.14 12.23 -17.76
N MET A 95 -17.39 11.86 -18.01
CA MET A 95 -18.01 10.69 -17.42
C MET A 95 -18.46 9.78 -18.53
N CYS A 96 -18.01 8.54 -18.53
CA CYS A 96 -18.64 7.55 -19.40
C CYS A 96 -18.73 6.20 -18.73
N GLY A 97 -19.67 5.39 -19.20
CA GLY A 97 -19.83 4.05 -18.70
C GLY A 97 -21.05 3.34 -19.24
N CYS A 98 -21.29 2.15 -18.72
CA CYS A 98 -22.39 1.31 -19.16
C CYS A 98 -22.99 0.61 -17.94
N GLU A 99 -24.25 0.19 -18.07
CA GLU A 99 -24.91 -0.58 -17.03
C GLU A 99 -25.51 -1.86 -17.60
N LEU A 100 -25.23 -2.97 -16.92
CA LEU A 100 -25.74 -4.28 -17.28
C LEU A 100 -26.92 -4.67 -16.40
N ARG A 101 -28.01 -5.09 -17.04
CA ARG A 101 -29.24 -5.43 -16.34
C ARG A 101 -29.69 -6.85 -16.65
N ASP A 102 -29.98 -7.62 -15.60
CA ASP A 102 -30.59 -8.95 -15.73
C ASP A 102 -32.08 -8.91 -15.44
N ASP A 103 -32.47 -8.04 -14.50
CA ASP A 103 -33.87 -7.78 -14.16
C ASP A 103 -34.48 -6.88 -15.23
N GLY A 104 -35.21 -7.49 -16.16
CA GLY A 104 -35.60 -6.84 -17.41
C GLY A 104 -34.73 -7.45 -18.49
N SER A 105 -34.01 -6.65 -19.27
CA SER A 105 -34.06 -5.19 -19.30
C SER A 105 -33.08 -4.73 -20.37
N SER A 106 -33.18 -3.46 -20.75
CA SER A 106 -32.30 -2.93 -21.79
C SER A 106 -31.04 -2.31 -21.19
N ASN A 107 -29.88 -2.70 -21.71
CA ASN A 107 -28.59 -2.15 -21.28
C ASN A 107 -28.47 -0.67 -21.59
N THR A 108 -27.84 0.08 -20.69
CA THR A 108 -27.69 1.51 -20.87
C THR A 108 -26.23 1.94 -20.94
N GLY A 109 -26.01 3.16 -21.41
CA GLY A 109 -24.68 3.70 -21.54
C GLY A 109 -24.75 5.21 -21.61
N PHE A 110 -23.63 5.87 -21.32
CA PHE A 110 -23.59 7.32 -21.28
C PHE A 110 -22.18 7.83 -21.49
N VAL A 111 -22.08 9.03 -22.07
CA VAL A 111 -20.84 9.78 -22.10
C VAL A 111 -21.21 11.27 -21.96
N GLN A 112 -20.68 11.88 -20.90
CA GLN A 112 -21.02 13.25 -20.53
C GLN A 112 -19.76 14.05 -20.29
N HIS A 113 -19.71 15.26 -20.85
CA HIS A 113 -18.58 16.14 -20.69
C HIS A 113 -19.00 17.41 -19.95
N ALA A 114 -18.09 17.94 -19.13
CA ALA A 114 -18.35 19.17 -18.40
C ALA A 114 -17.15 20.11 -18.40
N TRP A 115 -17.48 21.40 -18.53
CA TRP A 115 -16.51 22.48 -18.44
C TRP A 115 -16.81 23.28 -17.17
N ASP A 116 -15.79 23.47 -16.34
CA ASP A 116 -15.94 24.12 -15.04
C ASP A 116 -17.16 23.61 -14.27
N SER A 117 -17.28 22.29 -14.19
CA SER A 117 -18.34 21.60 -13.45
C SER A 117 -19.78 21.93 -13.88
N THR A 118 -19.94 22.38 -15.13
CA THR A 118 -21.26 22.58 -15.71
C THR A 118 -21.39 21.81 -17.03
N ASP A 119 -22.60 21.32 -17.32
CA ASP A 119 -22.88 20.58 -18.54
C ASP A 119 -22.27 21.24 -19.76
N PHE A 120 -21.48 20.49 -20.51
CA PHE A 120 -20.88 21.00 -21.72
C PHE A 120 -21.48 20.32 -22.94
N ILE A 121 -21.33 18.99 -23.01
CA ILE A 121 -21.84 18.22 -24.14
C ILE A 121 -22.03 16.77 -23.70
N SER A 122 -23.02 16.09 -24.29
CA SER A 122 -23.26 14.67 -24.00
C SER A 122 -23.94 13.99 -25.18
N LEU A 123 -23.87 12.66 -25.23
CA LEU A 123 -24.45 11.92 -26.35
C LEU A 123 -25.81 11.32 -26.07
N ASP A 124 -26.77 11.62 -26.94
CA ASP A 124 -28.02 10.88 -26.99
C ASP A 124 -27.75 9.63 -27.82
N LYS A 125 -27.70 8.49 -27.15
CA LYS A 125 -27.35 7.22 -27.79
C LYS A 125 -28.46 6.73 -28.74
N ASP A 126 -29.71 7.01 -28.38
CA ASP A 126 -30.86 6.56 -29.17
C ASP A 126 -31.00 7.31 -30.49
N LYS A 127 -30.92 8.64 -30.43
CA LYS A 127 -30.94 9.50 -31.61
C LYS A 127 -29.59 9.52 -32.32
N MET A 128 -28.55 9.11 -31.61
CA MET A 128 -27.15 9.21 -32.07
C MET A 128 -26.76 10.63 -32.46
N VAL A 129 -27.10 11.57 -31.58
CA VAL A 129 -26.79 12.98 -31.76
C VAL A 129 -26.23 13.54 -30.45
N TRP A 130 -25.34 14.52 -30.56
CA TRP A 130 -24.76 15.17 -29.38
C TRP A 130 -25.62 16.36 -28.94
N VAL A 131 -25.82 16.49 -27.63
CA VAL A 131 -26.61 17.59 -27.09
C VAL A 131 -25.75 18.52 -26.24
N THR A 132 -26.01 19.83 -26.35
CA THR A 132 -25.29 20.85 -25.59
C THR A 132 -26.25 21.95 -25.16
N PRO A 133 -26.28 22.24 -23.84
CA PRO A 133 -27.16 23.31 -23.35
C PRO A 133 -26.54 24.72 -23.45
N VAL A 134 -25.31 24.81 -23.98
CA VAL A 134 -24.59 26.08 -24.02
C VAL A 134 -24.08 26.42 -25.42
N THR A 135 -23.89 27.71 -25.67
CA THR A 135 -23.47 28.21 -26.98
C THR A 135 -22.04 27.79 -27.33
N TRP A 136 -21.17 27.70 -26.33
CA TRP A 136 -19.77 27.32 -26.54
C TRP A 136 -19.56 25.83 -26.81
N GLY A 137 -20.67 25.09 -26.87
CA GLY A 137 -20.64 23.68 -27.24
C GLY A 137 -21.13 23.43 -28.65
N GLU A 138 -21.86 24.41 -29.20
CA GLU A 138 -22.51 24.28 -30.52
C GLU A 138 -21.53 23.98 -31.64
N ILE A 139 -20.37 24.63 -31.61
CA ILE A 139 -19.34 24.43 -32.63
C ILE A 139 -18.72 23.03 -32.56
N THR A 140 -18.67 22.47 -31.35
CA THR A 140 -18.21 21.08 -31.15
C THR A 140 -19.29 20.08 -31.57
N LYS A 141 -20.54 20.38 -31.21
CA LYS A 141 -21.68 19.54 -31.57
C LYS A 141 -21.81 19.36 -33.08
N ASN A 142 -21.61 20.45 -33.82
CA ASN A 142 -21.70 20.42 -35.28
C ASN A 142 -20.60 19.56 -35.91
N LYS A 143 -19.41 19.59 -35.31
CA LYS A 143 -18.30 18.75 -35.75
C LYS A 143 -18.55 17.29 -35.41
N TRP A 144 -19.00 17.04 -34.18
CA TRP A 144 -19.16 15.69 -33.66
C TRP A 144 -20.35 14.94 -34.23
N ASP A 145 -21.40 15.67 -34.62
CA ASP A 145 -22.56 15.06 -35.25
C ASP A 145 -22.23 14.54 -36.65
N ARG A 146 -21.33 15.25 -37.33
CA ARG A 146 -20.84 14.87 -38.65
C ARG A 146 -19.96 13.61 -38.59
N ASP A 147 -19.18 13.48 -37.53
CA ASP A 147 -18.18 12.43 -37.40
C ASP A 147 -18.79 11.06 -37.14
N MET A 148 -19.03 10.32 -38.22
CA MET A 148 -19.63 8.99 -38.17
C MET A 148 -18.78 8.00 -37.37
N ALA A 149 -17.53 7.85 -37.78
CA ALA A 149 -16.61 6.87 -37.18
C ALA A 149 -16.43 7.10 -35.68
N PHE A 150 -16.34 8.36 -35.26
CA PHE A 150 -16.31 8.72 -33.86
C PHE A 150 -17.59 8.25 -33.17
N ASN A 151 -18.74 8.63 -33.74
CA ASN A 151 -20.05 8.34 -33.16
C ASN A 151 -20.35 6.86 -33.02
N GLN A 152 -20.19 6.12 -34.11
CA GLN A 152 -20.44 4.69 -34.11
C GLN A 152 -19.45 3.95 -33.22
N GLY A 153 -18.21 4.43 -33.22
CA GLY A 153 -17.15 3.89 -32.36
C GLY A 153 -17.50 4.02 -30.88
N THR A 154 -17.83 5.24 -30.47
CA THR A 154 -18.25 5.52 -29.10
C THR A 154 -19.44 4.64 -28.70
N LYS A 155 -20.41 4.53 -29.62
CA LYS A 155 -21.59 3.70 -29.40
C LYS A 155 -21.20 2.24 -29.26
N GLY A 156 -20.25 1.80 -30.09
CA GLY A 156 -19.74 0.44 -30.01
C GLY A 156 -19.06 0.16 -28.68
N TYR A 157 -18.37 1.15 -28.13
CA TYR A 157 -17.76 1.01 -26.81
C TYR A 157 -18.82 0.87 -25.72
N LEU A 158 -19.75 1.82 -25.67
CA LEU A 158 -20.76 1.87 -24.62
C LEU A 158 -21.65 0.63 -24.61
N GLU A 159 -22.04 0.17 -25.80
CA GLU A 159 -22.96 -0.96 -25.93
C GLU A 159 -22.27 -2.31 -26.01
N GLY A 160 -21.05 -2.34 -26.53
CA GLY A 160 -20.36 -3.61 -26.76
C GLY A 160 -19.16 -3.84 -25.86
N ILE A 161 -18.11 -3.05 -26.09
CA ILE A 161 -16.84 -3.24 -25.39
C ILE A 161 -17.01 -3.13 -23.87
N CYS A 162 -17.69 -2.07 -23.44
CA CYS A 162 -17.87 -1.77 -22.02
C CYS A 162 -18.61 -2.91 -21.30
N ILE A 163 -19.73 -3.32 -21.87
CA ILE A 163 -20.53 -4.43 -21.34
C ILE A 163 -19.70 -5.71 -21.24
N GLU A 164 -18.99 -6.05 -22.31
CA GLU A 164 -18.19 -7.28 -22.37
C GLU A 164 -17.13 -7.37 -21.27
N TRP A 165 -16.35 -6.31 -21.08
CA TRP A 165 -15.33 -6.26 -20.04
C TRP A 165 -15.92 -6.20 -18.63
N LEU A 166 -17.06 -5.50 -18.48
CA LEU A 166 -17.77 -5.49 -17.21
C LEU A 166 -18.10 -6.93 -16.80
N GLN A 167 -18.55 -7.73 -17.75
CA GLN A 167 -18.86 -9.14 -17.51
C GLN A 167 -17.65 -9.97 -17.10
N LYS A 168 -16.49 -9.62 -17.67
CA LYS A 168 -15.24 -10.26 -17.31
C LYS A 168 -14.83 -9.87 -15.90
N TYR A 169 -14.94 -8.57 -15.60
CA TYR A 169 -14.64 -8.05 -14.28
C TYR A 169 -15.49 -8.69 -13.20
N LEU A 170 -16.79 -8.83 -13.46
CA LEU A 170 -17.71 -9.47 -12.52
C LEU A 170 -17.34 -10.93 -12.23
N LYS A 171 -16.81 -11.64 -13.22
CA LYS A 171 -16.31 -12.99 -12.99
C LYS A 171 -15.01 -12.97 -12.19
N ASN A 172 -14.03 -12.19 -12.65
CA ASN A 172 -12.70 -12.14 -12.01
C ASN A 172 -12.65 -11.48 -10.64
N GLY A 173 -13.58 -10.55 -10.38
CA GLY A 173 -13.66 -9.88 -9.09
C GLY A 173 -14.87 -10.32 -8.31
N ASN A 174 -15.43 -11.47 -8.70
CA ASN A 174 -16.66 -12.03 -8.14
C ASN A 174 -16.84 -11.86 -6.64
N VAL A 175 -15.96 -12.46 -5.84
CA VAL A 175 -16.12 -12.42 -4.38
C VAL A 175 -15.84 -11.02 -3.84
N GLU A 176 -14.84 -10.37 -4.42
CA GLU A 176 -14.46 -9.01 -4.03
C GLU A 176 -15.56 -8.00 -4.31
N LEU A 177 -16.43 -8.32 -5.25
CA LEU A 177 -17.51 -7.41 -5.65
C LEU A 177 -18.86 -7.71 -5.00
N ARG A 178 -18.90 -8.70 -4.12
CA ARG A 178 -20.12 -9.05 -3.42
C ARG A 178 -20.52 -7.96 -2.43
N PRO A 179 -21.84 -7.76 -2.24
CA PRO A 179 -22.25 -6.83 -1.18
C PRO A 179 -21.81 -7.36 0.19
N VAL A 180 -21.39 -6.45 1.06
CA VAL A 180 -21.10 -6.78 2.46
C VAL A 180 -22.07 -6.02 3.36
N LYS A 181 -22.68 -6.75 4.29
CA LYS A 181 -23.70 -6.22 5.18
C LYS A 181 -23.14 -5.19 6.16
N PRO A 182 -23.96 -4.21 6.55
CA PRO A 182 -23.60 -3.29 7.62
C PRO A 182 -23.56 -3.99 8.98
N SER A 183 -22.59 -3.60 9.81
CA SER A 183 -22.66 -3.92 11.23
C SER A 183 -23.30 -2.70 11.89
N VAL A 184 -24.42 -2.93 12.58
CA VAL A 184 -25.21 -1.82 13.10
C VAL A 184 -25.22 -1.73 14.63
N THR A 185 -25.20 -0.49 15.13
CA THR A 185 -25.26 -0.19 16.55
C THR A 185 -26.44 0.73 16.78
N PHE A 186 -27.15 0.52 17.89
CA PHE A 186 -28.24 1.40 18.30
C PHE A 186 -28.15 1.67 19.79
N THR A 187 -27.58 2.83 20.14
CA THR A 187 -27.27 3.17 21.53
C THR A 187 -27.63 4.61 21.87
N SER A 188 -27.84 4.87 23.15
CA SER A 188 -27.97 6.23 23.67
C SER A 188 -26.59 6.87 23.63
N VAL A 189 -26.56 8.15 23.25
CA VAL A 189 -25.30 8.87 23.08
C VAL A 189 -25.45 10.35 23.47
N ARG A 190 -24.32 11.07 23.51
CA ARG A 190 -24.27 12.50 23.90
C ARG A 190 -24.87 12.78 25.27
N GLY A 191 -24.58 11.89 26.23
CA GLY A 191 -25.13 11.99 27.58
C GLY A 191 -26.62 11.70 27.60
N ASN A 192 -27.02 10.62 26.94
CA ASN A 192 -28.42 10.16 26.88
C ASN A 192 -29.42 11.19 26.31
N LYS A 193 -28.87 12.23 25.68
CA LYS A 193 -29.67 13.26 25.03
C LYS A 193 -30.27 12.75 23.71
N GLN A 194 -29.48 11.98 22.96
CA GLN A 194 -29.89 11.50 21.65
C GLN A 194 -29.71 9.99 21.49
N LEU A 195 -30.53 9.40 20.61
CA LEU A 195 -30.45 7.98 20.32
C LEU A 195 -29.97 7.81 18.87
N SER A 196 -28.83 7.14 18.70
CA SER A 196 -28.19 7.11 17.38
C SER A 196 -28.03 5.70 16.80
N CYS A 197 -28.55 5.54 15.59
CA CYS A 197 -28.37 4.32 14.83
C CYS A 197 -27.23 4.50 13.84
N VAL A 198 -26.16 3.74 14.05
CA VAL A 198 -24.97 3.82 13.21
C VAL A 198 -24.68 2.50 12.49
N ALA A 199 -24.72 2.56 11.17
CA ALA A 199 -24.36 1.43 10.31
C ALA A 199 -23.02 1.70 9.67
N THR A 200 -22.13 0.72 9.74
CA THR A 200 -20.78 0.87 9.22
C THR A 200 -20.29 -0.41 8.54
N GLY A 201 -19.28 -0.27 7.69
CA GLY A 201 -18.65 -1.40 7.02
C GLY A 201 -19.46 -2.06 5.91
N PHE A 202 -20.42 -1.33 5.34
CA PHE A 202 -21.27 -1.89 4.30
C PHE A 202 -20.86 -1.49 2.88
N TYR A 203 -21.15 -2.37 1.93
CA TYR A 203 -20.91 -2.15 0.51
C TYR A 203 -22.00 -2.87 -0.28
N PRO A 204 -22.57 -2.23 -1.32
CA PRO A 204 -22.30 -0.89 -1.84
C PRO A 204 -22.92 0.23 -0.99
N HIS A 205 -22.76 1.47 -1.43
CA HIS A 205 -23.09 2.65 -0.61
C HIS A 205 -24.58 2.82 -0.32
N SER A 206 -25.41 2.41 -1.28
CA SER A 206 -26.87 2.60 -1.20
C SER A 206 -27.47 1.89 0.02
N ILE A 207 -28.24 2.63 0.81
CA ILE A 207 -28.80 2.10 2.06
C ILE A 207 -30.06 2.84 2.55
N GLU A 208 -30.95 2.09 3.19
CA GLU A 208 -32.13 2.64 3.83
C GLU A 208 -32.04 2.39 5.33
N VAL A 209 -32.14 3.46 6.12
CA VAL A 209 -32.11 3.33 7.58
C VAL A 209 -33.13 4.27 8.22
N ASN A 210 -34.11 3.69 8.89
CA ASN A 210 -35.21 4.44 9.46
C ASN A 210 -35.43 4.10 10.93
N LEU A 211 -35.84 5.11 11.70
CA LEU A 211 -36.06 4.96 13.13
C LEU A 211 -37.54 4.89 13.48
N PHE A 212 -37.85 4.08 14.49
CA PHE A 212 -39.23 3.83 14.88
C PHE A 212 -39.47 3.97 16.38
N ARG A 213 -40.53 4.70 16.71
CA ARG A 213 -40.99 4.81 18.10
C ARG A 213 -42.26 4.00 18.28
N ASP A 214 -42.15 2.91 19.03
CA ASP A 214 -43.29 2.07 19.40
C ASP A 214 -44.19 1.70 18.20
N SER A 215 -43.58 1.20 17.13
CA SER A 215 -44.27 0.82 15.89
C SER A 215 -44.60 1.98 14.94
N ALA A 216 -44.28 3.20 15.36
CA ALA A 216 -44.51 4.38 14.53
C ALA A 216 -43.21 4.90 13.90
N LYS A 217 -43.33 5.38 12.66
CA LYS A 217 -42.19 5.93 11.92
C LYS A 217 -41.82 7.32 12.44
N ILE A 218 -40.52 7.54 12.67
CA ILE A 218 -40.02 8.82 13.18
C ILE A 218 -39.53 9.75 12.07
N ASP A 219 -40.25 10.87 11.91
CA ASP A 219 -39.76 11.99 11.09
C ASP A 219 -38.91 12.90 11.97
N GLU A 220 -38.54 14.07 11.45
CA GLU A 220 -37.66 15.00 12.18
C GLU A 220 -36.51 14.21 12.78
N THR A 221 -35.68 13.67 11.89
CA THR A 221 -34.56 12.81 12.27
C THR A 221 -33.28 13.33 11.63
N GLU A 222 -32.18 13.22 12.35
CA GLU A 222 -30.90 13.76 11.88
C GLU A 222 -29.98 12.70 11.29
N SER A 223 -29.46 12.96 10.10
CA SER A 223 -28.64 11.99 9.40
C SER A 223 -27.41 12.62 8.78
N THR A 224 -26.26 11.98 8.99
CA THR A 224 -25.02 12.39 8.34
C THR A 224 -25.09 12.15 6.83
N GLY A 225 -25.92 11.20 6.43
CA GLY A 225 -25.92 10.70 5.07
C GLY A 225 -24.82 9.66 4.95
N VAL A 226 -24.84 8.90 3.86
CA VAL A 226 -23.80 7.89 3.63
C VAL A 226 -22.46 8.60 3.36
N ARG A 227 -21.40 8.07 3.97
CA ARG A 227 -20.05 8.61 3.78
C ARG A 227 -19.02 7.48 3.78
N PRO A 228 -17.92 7.67 3.04
CA PRO A 228 -16.94 6.60 2.85
C PRO A 228 -16.13 6.29 4.10
N ASN A 229 -15.79 5.02 4.27
CA ASN A 229 -14.76 4.60 5.21
C ASN A 229 -13.40 4.58 4.52
N HIS A 230 -12.44 3.88 5.10
CA HIS A 230 -11.08 3.83 4.55
C HIS A 230 -10.83 2.63 3.61
N ASP A 231 -11.74 1.67 3.60
CA ASP A 231 -11.49 0.36 2.99
C ASP A 231 -12.49 0.01 1.90
N GLY A 232 -13.04 1.02 1.23
CA GLY A 232 -14.04 0.79 0.20
C GLY A 232 -15.46 0.61 0.72
N SER A 233 -15.62 0.51 2.04
CA SER A 233 -16.95 0.41 2.64
C SER A 233 -17.51 1.78 3.01
N TYR A 234 -18.76 1.81 3.45
CA TYR A 234 -19.44 3.06 3.79
C TYR A 234 -20.06 3.03 5.18
N GLN A 235 -20.43 4.21 5.68
CA GLN A 235 -21.09 4.33 6.99
C GLN A 235 -22.16 5.42 6.97
N ILE A 236 -23.08 5.34 7.92
CA ILE A 236 -24.13 6.35 8.08
C ILE A 236 -24.60 6.40 9.53
N HIS A 237 -24.88 7.61 10.01
CA HIS A 237 -25.44 7.83 11.33
C HIS A 237 -26.80 8.48 11.19
N ARG A 238 -27.83 7.83 11.71
CA ARG A 238 -29.13 8.47 11.88
C ARG A 238 -29.51 8.54 13.35
N SER A 239 -29.74 9.76 13.84
CA SER A 239 -30.05 9.99 15.24
C SER A 239 -31.29 10.87 15.44
N THR A 240 -32.00 10.61 16.52
CA THR A 240 -33.16 11.39 16.89
C THR A 240 -33.07 11.87 18.34
N GLU A 241 -33.92 12.84 18.68
CA GLU A 241 -34.01 13.35 20.05
C GLU A 241 -34.53 12.30 21.02
N PHE A 242 -34.05 12.28 22.26
CA PHE A 242 -34.37 11.19 23.20
C PHE A 242 -34.79 11.48 24.69
N ASP A 243 -35.65 10.64 25.30
CA ASP A 243 -35.75 10.40 26.77
C ASP A 243 -35.44 8.97 27.31
N PRO A 244 -34.52 8.85 28.27
CA PRO A 244 -33.96 7.62 28.88
C PRO A 244 -34.95 6.91 29.80
N ASN A 245 -35.86 7.69 30.40
CA ASN A 245 -36.85 7.18 31.33
C ASN A 245 -38.14 6.73 30.64
N SER A 246 -38.41 7.27 29.46
CA SER A 246 -39.66 7.07 28.73
C SER A 246 -40.03 5.60 28.50
N GLN A 247 -41.32 5.36 28.31
CA GLN A 247 -41.87 4.00 28.23
C GLN A 247 -41.75 3.36 26.85
N ALA A 248 -41.87 4.20 25.81
CA ALA A 248 -41.92 3.72 24.42
C ALA A 248 -40.67 2.98 23.97
N LYS A 249 -40.86 1.88 23.25
CA LYS A 249 -39.76 1.06 22.74
C LYS A 249 -39.23 1.66 21.44
N TYR A 250 -37.90 1.64 21.29
CA TYR A 250 -37.26 2.17 20.10
C TYR A 250 -36.59 1.10 19.25
N SER A 251 -36.83 1.17 17.95
CA SER A 251 -36.19 0.27 17.00
C SER A 251 -35.55 1.02 15.83
N CYS A 252 -34.48 0.45 15.31
CA CYS A 252 -33.83 0.93 14.10
C CYS A 252 -33.92 -0.15 13.02
N VAL A 253 -34.43 0.23 11.85
CA VAL A 253 -34.62 -0.71 10.75
C VAL A 253 -33.69 -0.37 9.56
N VAL A 254 -32.98 -1.38 9.07
CA VAL A 254 -31.99 -1.18 8.01
C VAL A 254 -32.26 -2.05 6.79
N ASP A 255 -32.24 -1.42 5.61
CA ASP A 255 -32.31 -2.11 4.33
C ASP A 255 -31.04 -1.89 3.52
N HIS A 256 -30.38 -3.00 3.20
CA HIS A 256 -29.15 -3.02 2.43
C HIS A 256 -29.17 -4.34 1.66
N ASP A 257 -28.77 -4.30 0.39
CA ASP A 257 -28.83 -5.51 -0.44
C ASP A 257 -27.74 -6.53 -0.09
N GLY A 258 -26.97 -6.24 0.95
CA GLY A 258 -26.08 -7.21 1.57
C GLY A 258 -26.76 -7.93 2.72
N LEU A 259 -27.96 -7.48 3.08
CA LEU A 259 -28.74 -8.10 4.16
C LEU A 259 -29.66 -9.18 3.64
N GLY A 260 -30.44 -8.86 2.60
CA GLY A 260 -31.34 -9.83 1.98
C GLY A 260 -32.57 -10.12 2.81
N GLN A 261 -32.64 -9.49 3.97
CA GLN A 261 -33.82 -9.51 4.83
C GLN A 261 -33.69 -8.27 5.70
N GLN A 262 -34.82 -7.61 5.93
CA GLN A 262 -34.82 -6.37 6.70
C GLN A 262 -34.25 -6.61 8.09
N LEU A 263 -33.32 -5.75 8.50
CA LEU A 263 -32.68 -5.89 9.80
C LEU A 263 -33.19 -4.87 10.81
N VAL A 264 -33.68 -5.37 11.95
CA VAL A 264 -34.15 -4.52 13.04
C VAL A 264 -33.30 -4.68 14.29
N VAL A 265 -33.08 -3.58 15.00
CA VAL A 265 -32.30 -3.58 16.23
C VAL A 265 -32.97 -2.69 17.29
N PHE A 266 -33.17 -3.25 18.48
CA PHE A 266 -33.81 -2.52 19.58
C PHE A 266 -32.78 -1.89 20.53
N TYR A 267 -33.20 -0.89 21.29
CA TYR A 267 -32.30 -0.20 22.23
C TYR A 267 -31.67 -1.16 23.25
N ALA B 1 -18.73 27.31 -12.48
CA ALA B 1 -19.41 27.48 -11.16
C ALA B 1 -18.57 26.89 -10.02
N THR B 2 -18.57 27.59 -8.89
CA THR B 2 -17.81 27.15 -7.72
C THR B 2 -18.71 26.96 -6.50
N SER B 3 -18.52 25.84 -5.81
CA SER B 3 -19.21 25.55 -4.57
C SER B 3 -18.21 25.19 -3.48
N SER B 4 -18.45 25.69 -2.28
CA SER B 4 -17.58 25.38 -1.15
C SER B 4 -17.87 23.98 -0.63
N PRO B 5 -16.85 23.32 -0.04
CA PRO B 5 -17.01 21.94 0.41
C PRO B 5 -17.91 21.75 1.63
N ASN B 6 -18.70 20.68 1.60
CA ASN B 6 -19.30 20.12 2.80
C ASN B 6 -18.28 19.17 3.40
N VAL B 7 -17.84 19.46 4.62
CA VAL B 7 -16.78 18.67 5.25
C VAL B 7 -17.28 17.95 6.50
N GLN B 8 -16.98 16.66 6.58
CA GLN B 8 -17.25 15.87 7.78
C GLN B 8 -15.97 15.25 8.31
N VAL B 9 -15.81 15.22 9.63
CA VAL B 9 -14.70 14.48 10.22
C VAL B 9 -15.23 13.48 11.24
N TYR B 10 -14.80 12.23 11.10
CA TYR B 10 -15.40 11.13 11.84
C TYR B 10 -14.44 9.95 11.91
N THR B 11 -14.84 8.91 12.63
CA THR B 11 -14.05 7.71 12.77
C THR B 11 -14.77 6.51 12.17
N TYR B 12 -14.02 5.45 11.87
CA TYR B 12 -14.56 4.26 11.23
C TYR B 12 -15.55 3.52 12.12
N LYS B 13 -15.18 3.39 13.39
CA LYS B 13 -15.94 2.65 14.37
C LYS B 13 -16.22 3.61 15.53
N LEU B 14 -16.96 3.14 16.54
CA LEU B 14 -17.18 3.92 17.75
C LEU B 14 -15.87 4.07 18.54
N ILE B 15 -15.53 5.31 18.87
CA ILE B 15 -14.30 5.62 19.61
C ILE B 15 -14.29 4.98 21.00
N LYS B 16 -13.21 4.25 21.28
CA LYS B 16 -12.87 3.78 22.62
C LYS B 16 -11.42 4.16 22.86
N GLU B 17 -11.13 4.78 24.00
CA GLU B 17 -9.78 5.22 24.32
C GLU B 17 -8.84 4.00 24.39
N GLY B 18 -7.76 4.05 23.63
CA GLY B 18 -6.80 2.93 23.58
C GLY B 18 -7.20 1.83 22.61
N GLU B 19 -8.24 2.09 21.83
CA GLU B 19 -8.69 1.17 20.78
C GLU B 19 -8.29 1.75 19.42
N SER B 20 -7.59 0.96 18.61
CA SER B 20 -7.09 1.44 17.32
C SER B 20 -8.20 1.61 16.29
N ASN B 21 -8.40 2.87 15.87
CA ASN B 21 -9.46 3.24 14.94
C ASN B 21 -8.90 3.93 13.68
N VAL B 22 -9.78 4.38 12.80
CA VAL B 22 -9.40 5.16 11.63
C VAL B 22 -10.04 6.55 11.72
N LEU B 23 -9.22 7.59 11.54
CA LEU B 23 -9.70 8.97 11.49
C LEU B 23 -9.90 9.42 10.04
N LEU B 24 -11.11 9.89 9.73
CA LEU B 24 -11.46 10.30 8.37
C LEU B 24 -11.91 11.76 8.28
N CYS B 25 -11.57 12.38 7.16
CA CYS B 25 -12.04 13.72 6.82
C CYS B 25 -12.54 13.65 5.38
N HIS B 26 -13.86 13.75 5.20
CA HIS B 26 -14.46 13.65 3.88
C HIS B 26 -15.04 14.97 3.40
N ALA B 27 -14.59 15.41 2.23
CA ALA B 27 -15.09 16.62 1.61
C ALA B 27 -15.97 16.28 0.41
N LYS B 28 -17.13 16.93 0.32
CA LYS B 28 -18.03 16.73 -0.82
C LYS B 28 -18.71 18.01 -1.27
N ASP B 29 -19.41 17.92 -2.41
CA ASP B 29 -20.17 19.03 -2.99
C ASP B 29 -19.34 20.28 -3.22
N PHE B 30 -18.12 20.11 -3.70
CA PHE B 30 -17.24 21.25 -3.95
C PHE B 30 -16.70 21.30 -5.37
N SER B 31 -16.42 22.54 -5.82
CA SER B 31 -15.78 22.81 -7.09
C SER B 31 -15.17 24.21 -6.99
N PRO B 32 -13.99 24.42 -7.61
CA PRO B 32 -13.13 23.49 -8.35
C PRO B 32 -12.40 22.52 -7.42
N PRO B 33 -11.63 21.56 -7.97
CA PRO B 33 -10.97 20.59 -7.11
C PRO B 33 -9.64 21.07 -6.49
N ASN B 34 -9.37 22.37 -6.53
CA ASN B 34 -8.19 22.94 -5.86
C ASN B 34 -8.42 22.97 -4.34
N ILE B 35 -8.19 21.82 -3.71
CA ILE B 35 -8.53 21.64 -2.30
C ILE B 35 -7.42 20.88 -1.56
N LYS B 36 -7.26 21.20 -0.27
CA LYS B 36 -6.30 20.49 0.57
C LYS B 36 -6.95 20.05 1.86
N LEU B 37 -6.70 18.79 2.23
CA LEU B 37 -7.19 18.24 3.48
C LEU B 37 -5.99 17.88 4.35
N GLU B 38 -5.97 18.40 5.57
CA GLU B 38 -4.89 18.17 6.52
C GLU B 38 -5.48 17.69 7.84
N LEU B 39 -5.22 16.44 8.21
CA LEU B 39 -5.66 15.91 9.49
C LEU B 39 -4.77 16.45 10.62
N LEU B 40 -5.41 16.88 11.71
CA LEU B 40 -4.68 17.51 12.82
C LEU B 40 -4.88 16.79 14.15
N GLU B 41 -3.79 16.68 14.91
CA GLU B 41 -3.83 16.22 16.29
C GLU B 41 -3.30 17.37 17.13
N ASN B 42 -4.19 17.97 17.91
CA ASN B 42 -3.92 19.19 18.70
C ASN B 42 -3.39 20.36 17.88
N GLY B 43 -3.92 20.52 16.67
CA GLY B 43 -3.49 21.59 15.78
C GLY B 43 -2.19 21.31 15.06
N ARG B 44 -1.64 20.11 15.25
CA ARG B 44 -0.45 19.69 14.51
C ARG B 44 -0.78 18.60 13.51
N ILE B 45 -0.23 18.76 12.31
CA ILE B 45 -0.47 17.86 11.19
C ILE B 45 -0.07 16.42 11.50
N ILE B 46 -1.01 15.50 11.30
CA ILE B 46 -0.73 14.08 11.42
C ILE B 46 -0.01 13.62 10.15
N PRO B 47 1.15 12.96 10.31
CA PRO B 47 1.89 12.44 9.16
C PRO B 47 1.36 11.09 8.67
N ASN B 48 1.82 10.68 7.49
CA ASN B 48 1.54 9.36 6.94
C ASN B 48 0.07 9.10 6.61
N THR B 49 -0.64 10.16 6.21
CA THR B 49 -2.06 10.04 5.86
C THR B 49 -2.22 9.49 4.45
N THR B 50 -3.41 8.95 4.17
CA THR B 50 -3.77 8.50 2.84
C THR B 50 -4.96 9.31 2.34
N GLN B 51 -4.92 9.69 1.07
CA GLN B 51 -6.03 10.40 0.45
C GLN B 51 -6.55 9.67 -0.79
N SER B 52 -7.87 9.52 -0.86
CA SER B 52 -8.53 8.91 -2.00
C SER B 52 -8.20 9.63 -3.30
N ASP B 53 -8.36 8.91 -4.41
CA ASP B 53 -8.21 9.50 -5.73
C ASP B 53 -9.39 10.42 -6.03
N LEU B 54 -9.09 11.58 -6.63
CA LEU B 54 -10.12 12.54 -7.00
C LEU B 54 -11.21 11.94 -7.89
N SER B 55 -12.44 12.11 -7.45
CA SER B 55 -13.61 11.61 -8.13
C SER B 55 -14.76 12.62 -8.02
N PHE B 56 -15.87 12.36 -8.71
CA PHE B 56 -17.00 13.28 -8.70
C PHE B 56 -18.36 12.62 -8.95
N GLU B 57 -19.42 13.33 -8.56
CA GLU B 57 -20.80 12.86 -8.71
C GLU B 57 -21.40 13.28 -10.06
N SER B 58 -22.63 12.86 -10.33
CA SER B 58 -23.38 13.24 -11.54
C SER B 58 -23.53 14.75 -11.73
N ASP B 59 -23.63 15.48 -10.63
CA ASP B 59 -23.76 16.94 -10.68
C ASP B 59 -22.41 17.62 -10.82
N TRP B 60 -21.39 16.81 -11.13
CA TRP B 60 -20.01 17.26 -11.37
C TRP B 60 -19.26 17.70 -10.12
N SER B 61 -19.93 17.78 -8.98
CA SER B 61 -19.29 18.18 -7.74
C SER B 61 -18.29 17.11 -7.32
N PHE B 62 -17.19 17.55 -6.71
CA PHE B 62 -16.09 16.64 -6.37
C PHE B 62 -16.23 16.04 -4.97
N LYS B 63 -15.48 14.97 -4.74
CA LYS B 63 -15.43 14.32 -3.43
C LYS B 63 -14.02 13.80 -3.17
N LEU B 64 -13.56 13.99 -1.94
CA LEU B 64 -12.23 13.58 -1.50
C LEU B 64 -12.28 13.09 -0.07
N THR B 65 -11.42 12.14 0.25
CA THR B 65 -11.34 11.62 1.61
C THR B 65 -9.87 11.46 1.99
N ARG B 66 -9.53 11.97 3.17
CA ARG B 66 -8.21 11.72 3.78
C ARG B 66 -8.38 11.01 5.12
N TYR B 67 -7.61 9.94 5.32
CA TYR B 67 -7.72 9.13 6.51
C TYR B 67 -6.37 8.68 7.07
N VAL B 68 -6.35 8.39 8.37
CA VAL B 68 -5.21 7.75 9.03
C VAL B 68 -5.69 6.64 9.94
N GLU B 69 -4.90 5.59 10.04
CA GLU B 69 -5.03 4.64 11.13
C GLU B 69 -4.48 5.39 12.35
N PHE B 70 -5.19 5.29 13.48
CA PHE B 70 -4.78 6.04 14.68
C PHE B 70 -5.27 5.40 15.97
N THR B 71 -4.69 5.83 17.08
CA THR B 71 -5.20 5.49 18.41
C THR B 71 -5.63 6.76 19.14
N PRO B 72 -6.94 6.91 19.37
CA PRO B 72 -7.44 8.02 20.19
C PRO B 72 -7.05 7.86 21.65
N GLN B 73 -6.33 8.87 22.17
CA GLN B 73 -5.95 8.90 23.57
C GLN B 73 -6.97 9.74 24.35
N SER B 74 -7.03 9.52 25.67
CA SER B 74 -8.01 10.17 26.54
C SER B 74 -8.09 11.68 26.35
N GLY B 75 -6.94 12.35 26.43
CA GLY B 75 -6.89 13.81 26.39
C GLY B 75 -7.00 14.46 25.02
N TYR B 76 -6.55 13.74 23.99
CA TYR B 76 -6.31 14.34 22.66
C TYR B 76 -7.52 14.85 21.87
N LYS B 77 -7.33 16.01 21.22
CA LYS B 77 -8.34 16.65 20.39
C LYS B 77 -7.99 16.57 18.89
N TYR B 78 -8.96 16.22 18.06
CA TYR B 78 -8.73 15.96 16.64
C TYR B 78 -9.54 16.89 15.75
N SER B 79 -8.97 17.26 14.60
CA SER B 79 -9.66 18.09 13.63
C SER B 79 -9.14 17.86 12.21
N CYS B 80 -9.69 18.61 11.26
CA CYS B 80 -9.27 18.59 9.87
C CYS B 80 -9.22 20.01 9.36
N MET B 81 -8.09 20.40 8.78
CA MET B 81 -7.96 21.73 8.17
C MET B 81 -8.17 21.62 6.67
N VAL B 82 -9.20 22.31 6.19
CA VAL B 82 -9.56 22.25 4.78
C VAL B 82 -9.33 23.60 4.14
N THR B 83 -8.57 23.58 3.04
CA THR B 83 -8.34 24.80 2.26
C THR B 83 -8.92 24.60 0.87
N HIS B 84 -9.94 25.39 0.55
CA HIS B 84 -10.55 25.38 -0.77
C HIS B 84 -10.48 26.78 -1.35
N ASN B 85 -10.00 26.89 -2.59
CA ASN B 85 -9.74 28.19 -3.19
C ASN B 85 -8.76 28.99 -2.32
N GLY B 86 -9.18 30.16 -1.88
CA GLY B 86 -8.37 30.98 -0.98
C GLY B 86 -8.84 30.91 0.47
N ASP B 87 -9.83 30.05 0.73
CA ASP B 87 -10.47 29.98 2.03
C ASP B 87 -10.06 28.73 2.83
N SER B 88 -9.65 28.94 4.07
CA SER B 88 -9.28 27.84 4.96
C SER B 88 -10.16 27.80 6.20
N LYS B 89 -10.75 26.63 6.45
CA LYS B 89 -11.60 26.43 7.62
C LYS B 89 -11.23 25.13 8.31
N GLU B 90 -11.42 25.08 9.63
CA GLU B 90 -11.09 23.89 10.40
C GLU B 90 -12.33 23.27 11.05
N ILE B 91 -12.49 21.98 10.85
CA ILE B 91 -13.63 21.25 11.39
C ILE B 91 -13.16 20.29 12.48
N GLN B 92 -13.73 20.43 13.67
CA GLN B 92 -13.43 19.57 14.80
C GLN B 92 -14.11 18.21 14.71
N LEU B 93 -13.46 17.20 15.28
CA LEU B 93 -14.06 15.88 15.42
C LEU B 93 -15.22 15.94 16.41
N ASP B 94 -16.42 15.66 15.91
CA ASP B 94 -17.61 15.59 16.74
C ASP B 94 -17.67 14.22 17.40
N ARG B 95 -17.65 14.20 18.72
CA ARG B 95 -17.69 12.94 19.47
C ARG B 95 -19.06 12.67 20.09
N TYR B 96 -19.33 11.39 20.35
CA TYR B 96 -20.61 10.91 20.86
C TYR B 96 -20.60 10.75 22.37
N PHE C 1 -11.95 -1.48 -18.84
CA PHE C 1 -11.45 -1.13 -20.19
C PHE C 1 -11.94 0.28 -20.51
N ALA C 2 -11.01 1.23 -20.48
CA ALA C 2 -11.36 2.61 -20.73
C ALA C 2 -11.74 2.88 -22.18
N ASN C 3 -12.74 3.74 -22.35
CA ASN C 3 -13.08 4.33 -23.64
C ASN C 3 -11.83 4.90 -24.32
N PHE C 4 -11.66 4.63 -25.60
CA PHE C 4 -10.50 5.14 -26.35
C PHE C 4 -10.87 6.01 -27.55
N PHE C 5 -12.15 6.34 -27.69
CA PHE C 5 -12.57 7.17 -28.81
C PHE C 5 -12.45 8.64 -28.45
N ILE C 6 -11.45 9.28 -29.04
CA ILE C 6 -11.10 10.66 -28.71
C ILE C 6 -11.12 11.50 -29.97
N ARG C 7 -11.84 12.61 -29.91
CA ARG C 7 -11.94 13.53 -31.02
C ARG C 7 -11.81 14.95 -30.47
N GLY C 8 -11.13 15.80 -31.24
CA GLY C 8 -10.89 17.18 -30.79
C GLY C 8 -12.15 18.01 -30.75
N LEU C 9 -12.19 18.96 -29.83
CA LEU C 9 -13.32 19.89 -29.73
C LEU C 9 -13.36 20.84 -30.92
N GLY D 1 11.29 -15.41 24.58
CA GLY D 1 12.73 -15.38 24.17
C GLY D 1 13.29 -13.97 24.03
N SER D 2 14.31 -13.83 23.20
CA SER D 2 15.00 -12.56 22.99
C SER D 2 14.32 -11.66 21.97
N HIS D 3 14.50 -10.35 22.14
CA HIS D 3 13.98 -9.38 21.19
C HIS D 3 15.05 -8.36 20.82
N SER D 4 14.98 -7.82 19.61
CA SER D 4 16.01 -6.90 19.13
C SER D 4 15.43 -5.70 18.39
N LEU D 5 16.17 -4.60 18.42
CA LEU D 5 15.87 -3.43 17.59
C LEU D 5 17.12 -3.06 16.77
N ARG D 6 17.02 -3.17 15.45
CA ARG D 6 18.19 -3.00 14.58
C ARG D 6 17.93 -2.03 13.43
N TYR D 7 18.96 -1.25 13.09
CA TYR D 7 18.87 -0.35 11.94
C TYR D 7 19.97 -0.65 10.94
N PHE D 8 19.62 -0.59 9.65
CA PHE D 8 20.55 -0.91 8.57
C PHE D 8 20.63 0.26 7.59
N PHE D 9 21.82 0.87 7.52
CA PHE D 9 22.01 2.05 6.68
C PHE D 9 22.90 1.69 5.50
N THR D 10 22.41 1.98 4.29
CA THR D 10 23.21 1.82 3.08
C THR D 10 23.34 3.14 2.33
N TRP D 11 24.58 3.58 2.15
CA TRP D 11 24.87 4.69 1.25
C TRP D 11 25.50 4.14 -0.01
N SER D 12 24.98 4.57 -1.16
CA SER D 12 25.49 4.13 -2.45
C SER D 12 25.97 5.32 -3.25
N THR D 13 27.02 5.12 -4.03
CA THR D 13 27.59 6.17 -4.84
C THR D 13 26.55 6.72 -5.81
N ALA D 14 26.57 8.02 -6.04
CA ALA D 14 25.63 8.65 -6.97
C ALA D 14 25.76 7.96 -8.32
N GLY D 15 24.67 7.35 -8.77
CA GLY D 15 24.72 6.53 -9.97
C GLY D 15 23.44 5.76 -10.22
N SER D 16 23.58 4.64 -10.92
CA SER D 16 22.43 3.88 -11.40
C SER D 16 21.71 3.06 -10.33
N GLY D 17 20.39 3.06 -10.43
CA GLY D 17 19.53 2.14 -9.69
C GLY D 17 19.00 2.70 -8.38
N ILE D 18 19.49 2.12 -7.29
CA ILE D 18 19.06 2.42 -5.93
C ILE D 18 19.37 3.87 -5.52
N PRO D 19 18.49 4.47 -4.68
CA PRO D 19 18.73 5.80 -4.10
C PRO D 19 20.06 5.90 -3.38
N GLU D 20 20.64 7.09 -3.33
CA GLU D 20 21.95 7.32 -2.72
C GLU D 20 22.05 6.91 -1.24
N PHE D 21 20.92 6.96 -0.54
CA PHE D 21 20.83 6.54 0.85
C PHE D 21 19.52 5.80 1.10
N VAL D 22 19.62 4.63 1.70
CA VAL D 22 18.46 3.88 2.13
C VAL D 22 18.70 3.38 3.55
N ALA D 23 17.73 3.61 4.43
CA ALA D 23 17.79 3.08 5.79
C ALA D 23 16.54 2.29 6.11
N VAL D 24 16.72 1.27 6.93
CA VAL D 24 15.66 0.34 7.27
C VAL D 24 15.75 -0.05 8.76
N GLY D 25 14.61 -0.09 9.44
CA GLY D 25 14.56 -0.45 10.86
C GLY D 25 13.73 -1.68 11.14
N TYR D 26 14.27 -2.57 11.99
CA TYR D 26 13.64 -3.84 12.35
C TYR D 26 13.40 -3.97 13.84
N VAL D 27 12.26 -4.55 14.20
CA VAL D 27 12.04 -5.08 15.54
C VAL D 27 11.98 -6.59 15.35
N ASP D 28 12.96 -7.29 15.93
CA ASP D 28 13.18 -8.70 15.63
C ASP D 28 13.38 -8.86 14.12
N ASP D 29 12.62 -9.74 13.47
CA ASP D 29 12.75 -9.93 12.02
C ASP D 29 11.77 -9.10 11.20
N GLN D 30 11.02 -8.21 11.85
CA GLN D 30 9.99 -7.44 11.17
C GLN D 30 10.42 -6.00 10.89
N GLN D 31 10.41 -5.61 9.61
CA GLN D 31 10.70 -4.24 9.25
C GLN D 31 9.53 -3.36 9.65
N PHE D 32 9.83 -2.23 10.29
CA PHE D 32 8.77 -1.35 10.76
C PHE D 32 8.94 0.10 10.30
N VAL D 33 10.16 0.50 9.94
CA VAL D 33 10.39 1.83 9.37
C VAL D 33 11.32 1.80 8.15
N GLN D 34 11.26 2.88 7.36
CA GLN D 34 12.09 3.04 6.18
C GLN D 34 12.41 4.51 5.97
N TYR D 35 13.56 4.77 5.34
CA TYR D 35 13.94 6.10 4.90
C TYR D 35 14.79 5.96 3.64
N ASP D 36 14.60 6.87 2.69
CA ASP D 36 15.53 7.00 1.56
C ASP D 36 15.76 8.46 1.17
N SER D 37 16.82 8.69 0.40
CA SER D 37 17.24 10.04 0.01
C SER D 37 16.36 10.70 -1.05
N ASP D 38 15.47 9.95 -1.67
CA ASP D 38 14.55 10.52 -2.66
C ASP D 38 13.41 11.24 -1.96
N ARG D 39 12.82 10.55 -1.00
CA ARG D 39 11.69 11.08 -0.25
C ARG D 39 12.13 11.90 0.97
N LYS D 40 13.28 11.54 1.54
CA LYS D 40 13.86 12.28 2.67
C LYS D 40 12.94 12.34 3.89
N GLU D 41 12.18 11.27 4.12
CA GLU D 41 11.27 11.19 5.27
C GLU D 41 11.21 9.78 5.84
N MET D 42 11.24 9.67 7.16
CA MET D 42 11.07 8.38 7.82
C MET D 42 9.60 7.99 7.76
N ILE D 43 9.31 6.80 7.23
CA ILE D 43 7.92 6.36 7.05
C ILE D 43 7.67 4.99 7.68
N PRO D 44 6.41 4.72 8.09
CA PRO D 44 6.10 3.43 8.69
C PRO D 44 5.98 2.30 7.66
N ARG D 45 6.42 1.10 8.04
CA ARG D 45 6.25 -0.09 7.22
C ARG D 45 5.32 -1.07 7.92
N GLN D 46 4.76 -0.63 9.03
CA GLN D 46 3.79 -1.41 9.79
C GLN D 46 2.68 -0.48 10.28
N ARG D 47 1.46 -1.01 10.31
CA ARG D 47 0.31 -0.27 10.83
C ARG D 47 0.51 0.08 12.31
N TRP D 48 1.04 -0.87 13.09
CA TRP D 48 1.11 -0.70 14.54
C TRP D 48 1.96 0.50 14.99
N VAL D 49 3.10 0.71 14.33
CA VAL D 49 4.00 1.83 14.66
C VAL D 49 3.37 3.14 14.20
N LYS D 50 2.65 3.06 13.08
CA LYS D 50 1.97 4.18 12.49
C LYS D 50 0.84 4.67 13.38
N GLU D 51 0.15 3.74 14.01
CA GLU D 51 -0.95 4.05 14.92
C GLU D 51 -0.47 4.60 16.25
N SER D 52 0.66 4.09 16.72
CA SER D 52 1.10 4.31 18.09
C SER D 52 2.09 5.47 18.26
N GLU D 53 2.57 6.01 17.14
CA GLU D 53 3.50 7.13 17.20
C GLU D 53 2.92 8.36 16.54
N GLY D 54 2.89 9.45 17.31
CA GLY D 54 2.37 10.72 16.84
C GLY D 54 3.34 11.53 16.00
N PRO D 55 2.94 12.76 15.62
CA PRO D 55 3.73 13.62 14.74
C PRO D 55 5.15 13.86 15.24
N GLU D 56 5.32 14.07 16.54
CA GLU D 56 6.63 14.32 17.12
C GLU D 56 7.64 13.20 16.82
N TYR D 57 7.18 11.96 16.89
CA TYR D 57 8.04 10.82 16.64
C TYR D 57 8.61 10.85 15.21
N TRP D 58 7.71 11.01 14.23
CA TRP D 58 8.12 10.98 12.83
C TRP D 58 8.98 12.18 12.47
N GLU D 59 8.61 13.35 13.00
CA GLU D 59 9.40 14.55 12.81
C GLU D 59 10.85 14.36 13.30
N ARG D 60 11.01 13.78 14.50
CA ARG D 60 12.34 13.52 15.03
C ARG D 60 13.12 12.46 14.25
N GLU D 61 12.46 11.34 13.92
CA GLU D 61 13.11 10.27 13.15
C GLU D 61 13.56 10.75 11.78
N THR D 62 12.71 11.52 11.12
CA THR D 62 13.05 12.13 9.83
C THR D 62 14.30 13.02 9.93
N GLN D 63 14.34 13.87 10.95
CA GLN D 63 15.49 14.75 11.14
C GLN D 63 16.76 13.94 11.39
N THR D 64 16.67 12.92 12.23
CA THR D 64 17.83 12.10 12.57
C THR D 64 18.42 11.52 11.28
N LEU D 65 17.57 10.97 10.44
CA LEU D 65 18.02 10.35 9.20
C LEU D 65 18.52 11.37 8.20
N ARG D 66 17.98 12.58 8.27
CA ARG D 66 18.44 13.68 7.43
C ARG D 66 19.87 14.09 7.75
N GLY D 67 20.29 13.85 8.99
CA GLY D 67 21.68 14.08 9.39
C GLY D 67 22.60 12.97 8.89
N TRP D 68 22.08 11.73 8.88
CA TRP D 68 22.84 10.58 8.43
C TRP D 68 23.08 10.62 6.93
N GLU D 69 22.13 11.21 6.20
CA GLU D 69 22.13 11.22 4.74
C GLU D 69 23.40 11.81 4.09
N PRO D 70 23.76 13.06 4.46
CA PRO D 70 24.99 13.64 3.88
C PRO D 70 26.27 13.04 4.46
N TRP D 71 26.20 12.56 5.71
CA TRP D 71 27.37 12.00 6.39
C TRP D 71 27.98 10.81 5.63
N GLY D 72 27.12 9.89 5.19
CA GLY D 72 27.59 8.73 4.45
C GLY D 72 28.08 9.08 3.07
N LYS D 73 27.38 9.99 2.39
CA LYS D 73 27.80 10.48 1.08
C LYS D 73 29.22 11.07 1.15
N ALA D 74 29.50 11.80 2.22
CA ALA D 74 30.84 12.33 2.47
C ALA D 74 31.85 11.21 2.74
N ASN D 75 31.40 10.17 3.43
CA ASN D 75 32.26 9.06 3.82
C ASN D 75 32.89 8.34 2.63
N ILE D 76 32.08 8.10 1.59
CA ILE D 76 32.58 7.42 0.38
C ILE D 76 33.64 8.27 -0.32
N ASP D 77 33.49 9.60 -0.22
CA ASP D 77 34.44 10.53 -0.81
C ASP D 77 35.77 10.53 -0.03
N ILE D 78 35.68 10.51 1.29
CA ILE D 78 36.87 10.50 2.16
C ILE D 78 37.64 9.19 2.02
N LEU D 79 36.91 8.07 2.01
CA LEU D 79 37.52 6.75 1.92
C LEU D 79 38.08 6.43 0.54
N SER D 80 37.41 6.92 -0.51
CA SER D 80 37.93 6.76 -1.88
C SER D 80 39.28 7.46 -2.00
N LYS D 81 39.39 8.64 -1.39
CA LYS D 81 40.63 9.40 -1.36
C LYS D 81 41.68 8.69 -0.50
N ARG D 82 41.25 8.07 0.59
CA ARG D 82 42.14 7.30 1.47
C ARG D 82 42.68 6.04 0.81
N THR D 83 41.83 5.38 0.02
CA THR D 83 42.22 4.13 -0.64
C THR D 83 42.74 4.36 -2.07
N ASN D 84 42.98 5.63 -2.41
CA ASN D 84 43.49 6.04 -3.73
C ASN D 84 42.63 5.53 -4.89
N GLN D 85 41.32 5.48 -4.67
CA GLN D 85 40.41 4.91 -5.65
C GLN D 85 39.81 5.99 -6.53
N THR D 86 39.89 5.75 -7.85
CA THR D 86 39.63 6.76 -8.87
C THR D 86 38.16 7.17 -9.01
N GLY D 87 37.26 6.25 -8.71
CA GLY D 87 35.82 6.49 -8.83
C GLY D 87 35.04 5.19 -8.91
N GLY D 88 33.95 5.22 -9.67
CA GLY D 88 33.11 4.03 -9.84
C GLY D 88 32.13 3.82 -8.70
N ILE D 89 31.58 2.61 -8.62
CA ILE D 89 30.57 2.25 -7.61
C ILE D 89 31.21 2.00 -6.24
N HIS D 90 30.70 2.70 -5.23
CA HIS D 90 31.17 2.53 -3.85
C HIS D 90 30.05 2.63 -2.83
N THR D 91 30.23 1.94 -1.70
CA THR D 91 29.23 1.90 -0.64
C THR D 91 29.81 2.15 0.74
N TYR D 92 28.99 2.71 1.61
CA TYR D 92 29.25 2.74 3.03
C TYR D 92 28.03 2.14 3.73
N GLN D 93 28.27 1.23 4.67
CA GLN D 93 27.18 0.59 5.40
C GLN D 93 27.33 0.77 6.89
N LEU D 94 26.20 0.85 7.58
CA LEU D 94 26.16 0.94 9.03
C LEU D 94 25.03 0.07 9.55
N MET D 95 25.33 -0.76 10.54
CA MET D 95 24.29 -1.44 11.29
C MET D 95 24.49 -1.25 12.79
N CYS D 96 23.43 -0.86 13.49
CA CYS D 96 23.45 -0.82 14.94
C CYS D 96 22.11 -1.28 15.50
N GLY D 97 22.14 -1.72 16.75
CA GLY D 97 20.95 -2.22 17.41
C GLY D 97 21.24 -2.75 18.79
N CYS D 98 20.17 -3.15 19.48
CA CYS D 98 20.27 -3.72 20.80
C CYS D 98 19.50 -5.03 20.84
N GLU D 99 19.77 -5.83 21.86
CA GLU D 99 19.03 -7.07 22.08
C GLU D 99 18.63 -7.19 23.55
N LEU D 100 17.33 -7.36 23.76
CA LEU D 100 16.76 -7.49 25.09
C LEU D 100 16.60 -8.95 25.48
N ARG D 101 17.08 -9.28 26.67
CA ARG D 101 17.10 -10.66 27.16
C ARG D 101 15.93 -10.97 28.11
N ASP D 102 15.25 -12.08 27.86
CA ASP D 102 14.20 -12.58 28.75
C ASP D 102 14.78 -12.94 30.11
N ASP D 103 15.63 -13.96 30.13
CA ASP D 103 16.27 -14.40 31.36
C ASP D 103 17.72 -14.79 31.14
N GLY D 104 18.51 -14.69 32.19
CA GLY D 104 19.93 -15.06 32.18
C GLY D 104 20.83 -13.89 31.89
N SER D 105 21.41 -13.89 30.69
CA SER D 105 22.42 -12.93 30.27
C SER D 105 21.91 -11.48 30.31
N SER D 106 22.83 -10.53 30.44
CA SER D 106 22.50 -9.11 30.36
C SER D 106 22.29 -8.70 28.90
N ASN D 107 21.83 -7.48 28.68
CA ASN D 107 21.58 -6.94 27.34
C ASN D 107 22.83 -6.75 26.50
N THR D 108 22.67 -6.74 25.18
CA THR D 108 23.79 -6.55 24.26
C THR D 108 23.47 -5.45 23.25
N GLY D 109 24.53 -4.92 22.64
CA GLY D 109 24.38 -3.87 21.64
C GLY D 109 25.58 -3.86 20.71
N PHE D 110 25.42 -3.24 19.54
CA PHE D 110 26.47 -3.20 18.55
C PHE D 110 26.30 -1.99 17.65
N VAL D 111 27.42 -1.54 17.09
CA VAL D 111 27.42 -0.58 16.01
C VAL D 111 28.62 -0.90 15.14
N GLN D 112 28.36 -1.13 13.85
CA GLN D 112 29.37 -1.64 12.93
C GLN D 112 29.30 -0.91 11.60
N HIS D 113 30.47 -0.56 11.07
CA HIS D 113 30.58 0.21 9.84
C HIS D 113 31.35 -0.58 8.78
N ALA D 114 30.96 -0.39 7.52
CA ALA D 114 31.65 -1.04 6.42
C ALA D 114 31.91 -0.09 5.26
N TRP D 115 33.05 -0.31 4.61
CA TRP D 115 33.41 0.37 3.38
C TRP D 115 33.48 -0.70 2.28
N ASP D 116 32.73 -0.49 1.22
CA ASP D 116 32.58 -1.45 0.11
C ASP D 116 32.39 -2.89 0.60
N SER D 117 31.40 -3.07 1.47
CA SER D 117 30.99 -4.37 2.01
C SER D 117 32.06 -5.14 2.77
N THR D 118 33.08 -4.43 3.25
CA THR D 118 34.12 -5.03 4.10
C THR D 118 34.25 -4.24 5.38
N ASP D 119 34.50 -4.96 6.48
CA ASP D 119 34.66 -4.34 7.80
C ASP D 119 35.52 -3.09 7.72
N PHE D 120 34.99 -1.99 8.24
CA PHE D 120 35.75 -0.75 8.31
C PHE D 120 36.08 -0.40 9.75
N ILE D 121 35.04 -0.16 10.55
CA ILE D 121 35.22 0.13 11.97
C ILE D 121 33.99 -0.33 12.75
N SER D 122 34.22 -0.76 13.99
CA SER D 122 33.13 -1.18 14.87
C SER D 122 33.52 -0.87 16.31
N LEU D 123 32.53 -0.79 17.19
CA LEU D 123 32.78 -0.48 18.59
C LEU D 123 32.86 -1.72 19.47
N ASP D 124 33.95 -1.82 20.23
CA ASP D 124 34.01 -2.74 21.37
C ASP D 124 33.31 -2.04 22.52
N LYS D 125 32.29 -2.69 23.07
CA LYS D 125 31.46 -2.05 24.10
C LYS D 125 31.93 -2.32 25.53
N ASP D 126 32.63 -3.42 25.76
CA ASP D 126 33.17 -3.74 27.08
C ASP D 126 34.35 -2.81 27.42
N LYS D 127 35.38 -2.84 26.59
CA LYS D 127 36.34 -1.76 26.52
C LYS D 127 35.64 -0.66 25.73
N MET D 128 35.97 0.59 25.98
CA MET D 128 35.36 1.65 25.20
C MET D 128 36.32 2.15 24.13
N VAL D 129 36.60 1.27 23.18
CA VAL D 129 37.59 1.49 22.15
C VAL D 129 37.04 1.04 20.80
N TRP D 130 37.48 1.68 19.74
CA TRP D 130 37.06 1.31 18.39
C TRP D 130 38.08 0.39 17.74
N VAL D 131 37.60 -0.59 16.98
CA VAL D 131 38.46 -1.54 16.28
C VAL D 131 38.32 -1.42 14.76
N THR D 132 39.47 -1.32 14.09
CA THR D 132 39.53 -1.29 12.63
C THR D 132 40.53 -2.35 12.12
N PRO D 133 40.04 -3.33 11.35
CA PRO D 133 40.91 -4.35 10.75
C PRO D 133 41.82 -3.78 9.65
N VAL D 134 41.48 -2.59 9.15
CA VAL D 134 42.13 -2.01 7.97
C VAL D 134 42.93 -0.75 8.28
N THR D 135 43.92 -0.47 7.43
CA THR D 135 44.81 0.69 7.59
C THR D 135 44.08 2.01 7.44
N TRP D 136 43.16 2.07 6.48
CA TRP D 136 42.41 3.29 6.19
C TRP D 136 41.37 3.65 7.26
N GLY D 137 41.36 2.91 8.34
CA GLY D 137 40.51 3.20 9.49
C GLY D 137 41.26 3.78 10.68
N GLU D 138 42.59 3.71 10.62
CA GLU D 138 43.45 4.12 11.74
C GLU D 138 43.21 5.56 12.17
N ILE D 139 43.10 6.46 11.19
CA ILE D 139 42.85 7.88 11.45
C ILE D 139 41.53 8.08 12.19
N THR D 140 40.49 7.40 11.71
CA THR D 140 39.16 7.43 12.32
C THR D 140 39.18 6.89 13.75
N LYS D 141 39.87 5.76 13.93
CA LYS D 141 40.00 5.15 15.25
C LYS D 141 40.59 6.13 16.28
N ASN D 142 41.68 6.79 15.90
CA ASN D 142 42.37 7.72 16.80
C ASN D 142 41.51 8.91 17.18
N LYS D 143 40.74 9.41 16.22
CA LYS D 143 39.79 10.48 16.45
C LYS D 143 38.69 10.02 17.41
N TRP D 144 38.09 8.88 17.09
CA TRP D 144 36.91 8.40 17.80
C TRP D 144 37.19 7.89 19.21
N ASP D 145 38.37 7.29 19.40
CA ASP D 145 38.78 6.84 20.73
C ASP D 145 38.85 8.02 21.69
N ARG D 146 39.34 9.14 21.19
CA ARG D 146 39.48 10.37 21.97
C ARG D 146 38.15 11.04 22.29
N ASP D 147 37.15 10.85 21.42
CA ASP D 147 35.86 11.54 21.54
C ASP D 147 34.96 10.95 22.63
N MET D 148 35.04 11.55 23.80
CA MET D 148 34.31 11.10 24.98
C MET D 148 32.79 11.14 24.80
N ALA D 149 32.28 12.32 24.46
CA ALA D 149 30.84 12.55 24.32
C ALA D 149 30.21 11.65 23.28
N PHE D 150 30.92 11.43 22.18
CA PHE D 150 30.45 10.56 21.11
C PHE D 150 30.37 9.10 21.54
N ASN D 151 31.43 8.59 22.16
CA ASN D 151 31.50 7.20 22.61
C ASN D 151 30.48 6.90 23.69
N GLN D 152 30.48 7.71 24.74
CA GLN D 152 29.53 7.57 25.84
C GLN D 152 28.09 7.77 25.37
N GLY D 153 27.90 8.71 24.45
CA GLY D 153 26.60 8.94 23.81
C GLY D 153 26.11 7.69 23.09
N THR D 154 26.99 7.12 22.27
CA THR D 154 26.70 5.87 21.56
C THR D 154 26.40 4.72 22.52
N LYS D 155 27.22 4.59 23.56
CA LYS D 155 26.97 3.58 24.59
C LYS D 155 25.61 3.81 25.23
N GLY D 156 25.31 5.06 25.52
CA GLY D 156 24.01 5.46 26.07
C GLY D 156 22.85 5.05 25.20
N TYR D 157 23.01 5.17 23.89
CA TYR D 157 21.96 4.77 22.97
C TYR D 157 21.78 3.24 22.96
N LEU D 158 22.88 2.52 22.79
CA LEU D 158 22.84 1.06 22.64
C LEU D 158 22.37 0.34 23.90
N GLU D 159 22.70 0.89 25.07
CA GLU D 159 22.36 0.26 26.34
C GLU D 159 21.12 0.86 27.02
N GLY D 160 20.69 2.05 26.60
CA GLY D 160 19.60 2.75 27.27
C GLY D 160 18.40 3.13 26.42
N ILE D 161 18.63 3.98 25.43
CA ILE D 161 17.57 4.51 24.56
C ILE D 161 17.00 3.38 23.69
N CYS D 162 17.90 2.59 23.10
CA CYS D 162 17.50 1.49 22.21
C CYS D 162 16.64 0.45 22.91
N ILE D 163 17.04 -0.01 24.09
CA ILE D 163 16.24 -1.01 24.79
C ILE D 163 14.96 -0.42 25.38
N GLU D 164 15.01 0.85 25.79
CA GLU D 164 13.81 1.53 26.28
C GLU D 164 12.72 1.60 25.20
N TRP D 165 13.10 1.97 23.98
CA TRP D 165 12.16 2.09 22.87
C TRP D 165 11.73 0.73 22.32
N LEU D 166 12.65 -0.24 22.32
CA LEU D 166 12.31 -1.62 21.95
C LEU D 166 11.16 -2.13 22.82
N GLN D 167 11.24 -1.85 24.12
CA GLN D 167 10.20 -2.25 25.06
C GLN D 167 8.87 -1.57 24.77
N LYS D 168 8.92 -0.32 24.31
CA LYS D 168 7.72 0.40 23.92
C LYS D 168 7.14 -0.26 22.67
N TYR D 169 8.01 -0.58 21.71
CA TYR D 169 7.60 -1.22 20.46
C TYR D 169 6.97 -2.60 20.68
N LEU D 170 7.58 -3.39 21.56
CA LEU D 170 7.07 -4.72 21.91
C LEU D 170 5.69 -4.67 22.56
N LYS D 171 5.39 -3.58 23.26
CA LYS D 171 4.05 -3.38 23.80
C LYS D 171 3.09 -2.97 22.69
N ASN D 172 3.44 -1.91 21.97
CA ASN D 172 2.55 -1.32 20.97
C ASN D 172 2.28 -2.21 19.75
N GLY D 173 3.22 -3.11 19.45
CA GLY D 173 3.05 -4.05 18.34
C GLY D 173 2.94 -5.49 18.79
N ASN D 174 2.60 -5.66 20.08
CA ASN D 174 2.54 -6.97 20.74
C ASN D 174 1.94 -8.09 19.89
N VAL D 175 0.75 -7.85 19.35
CA VAL D 175 0.03 -8.87 18.58
C VAL D 175 0.61 -9.04 17.17
N GLU D 176 1.04 -7.93 16.56
CA GLU D 176 1.61 -7.97 15.21
C GLU D 176 3.00 -8.63 15.20
N LEU D 177 3.63 -8.69 16.37
CA LEU D 177 4.98 -9.24 16.50
C LEU D 177 4.98 -10.66 17.08
N ARG D 178 3.79 -11.25 17.16
CA ARG D 178 3.61 -12.62 17.62
C ARG D 178 4.22 -13.61 16.64
N PRO D 179 4.78 -14.72 17.16
CA PRO D 179 5.19 -15.82 16.29
C PRO D 179 4.00 -16.40 15.51
N VAL D 180 4.25 -16.79 14.26
CA VAL D 180 3.25 -17.41 13.41
C VAL D 180 3.74 -18.78 12.93
N LYS D 181 2.91 -19.80 13.10
CA LYS D 181 3.26 -21.18 12.70
C LYS D 181 3.28 -21.39 11.18
N PRO D 182 4.24 -22.19 10.69
CA PRO D 182 4.31 -22.49 9.25
C PRO D 182 3.21 -23.45 8.78
N SER D 183 2.74 -23.24 7.56
CA SER D 183 2.01 -24.28 6.85
C SER D 183 3.06 -25.20 6.26
N VAL D 184 2.89 -26.50 6.50
CA VAL D 184 3.92 -27.47 6.14
C VAL D 184 3.35 -28.56 5.22
N THR D 185 4.14 -28.97 4.24
CA THR D 185 3.72 -29.96 3.26
C THR D 185 4.89 -30.85 2.83
N PHE D 186 4.60 -32.15 2.67
CA PHE D 186 5.56 -33.13 2.20
C PHE D 186 5.00 -33.77 0.93
N THR D 187 5.66 -33.56 -0.21
CA THR D 187 5.14 -33.98 -1.51
C THR D 187 6.22 -34.54 -2.43
N SER D 188 5.84 -35.50 -3.28
CA SER D 188 6.73 -36.02 -4.32
C SER D 188 6.72 -35.11 -5.55
N VAL D 189 7.91 -34.88 -6.11
CA VAL D 189 8.09 -33.85 -7.14
C VAL D 189 8.95 -34.32 -8.32
N ARG D 190 8.88 -33.59 -9.44
CA ARG D 190 9.56 -33.94 -10.71
C ARG D 190 9.34 -35.40 -11.11
N GLY D 191 8.08 -35.71 -11.41
CA GLY D 191 7.61 -37.09 -11.52
C GLY D 191 7.39 -37.61 -10.12
N ASN D 192 8.09 -38.68 -9.77
CA ASN D 192 8.17 -39.14 -8.39
C ASN D 192 9.63 -39.35 -8.02
N LYS D 193 10.49 -38.49 -8.56
CA LYS D 193 11.94 -38.61 -8.42
C LYS D 193 12.48 -38.01 -7.13
N GLN D 194 11.75 -37.06 -6.54
CA GLN D 194 12.19 -36.39 -5.31
C GLN D 194 11.02 -36.11 -4.36
N LEU D 195 11.29 -36.20 -3.07
CA LEU D 195 10.35 -35.74 -2.04
C LEU D 195 10.82 -34.38 -1.52
N SER D 196 9.89 -33.44 -1.41
CA SER D 196 10.21 -32.08 -0.95
C SER D 196 9.34 -31.62 0.23
N CYS D 197 10.01 -31.18 1.29
CA CYS D 197 9.30 -30.59 2.43
C CYS D 197 9.26 -29.07 2.32
N VAL D 198 8.06 -28.53 2.16
CA VAL D 198 7.84 -27.10 2.00
C VAL D 198 7.15 -26.49 3.23
N ALA D 199 7.86 -25.56 3.87
CA ALA D 199 7.32 -24.80 5.02
C ALA D 199 7.17 -23.34 4.63
N THR D 200 5.95 -22.82 4.74
CA THR D 200 5.65 -21.46 4.32
C THR D 200 4.81 -20.68 5.35
N GLY D 201 4.88 -19.36 5.29
CA GLY D 201 4.05 -18.48 6.09
C GLY D 201 4.41 -18.36 7.56
N PHE D 202 5.67 -18.62 7.89
CA PHE D 202 6.12 -18.56 9.28
C PHE D 202 6.95 -17.31 9.60
N TYR D 203 6.78 -16.83 10.84
CA TYR D 203 7.57 -15.73 11.39
C TYR D 203 7.90 -16.02 12.86
N PRO D 204 9.17 -15.79 13.27
CA PRO D 204 10.31 -15.24 12.54
C PRO D 204 11.02 -16.27 11.62
N HIS D 205 12.14 -15.87 11.03
CA HIS D 205 12.80 -16.66 9.99
C HIS D 205 13.50 -17.92 10.49
N SER D 206 13.95 -17.90 11.75
CA SER D 206 14.69 -19.00 12.36
C SER D 206 13.86 -20.29 12.40
N ILE D 207 14.37 -21.35 11.77
CA ILE D 207 13.63 -22.61 11.64
C ILE D 207 14.53 -23.83 11.47
N GLU D 208 14.10 -24.96 12.04
CA GLU D 208 14.77 -26.25 11.88
C GLU D 208 13.91 -27.19 11.06
N VAL D 209 14.47 -27.65 9.95
CA VAL D 209 13.78 -28.60 9.07
C VAL D 209 14.71 -29.73 8.64
N ASN D 210 14.41 -30.94 9.12
CA ASN D 210 15.22 -32.11 8.83
C ASN D 210 14.39 -33.27 8.29
N LEU D 211 14.98 -34.05 7.39
CA LEU D 211 14.28 -35.16 6.76
C LEU D 211 14.70 -36.51 7.31
N PHE D 212 13.71 -37.36 7.58
CA PHE D 212 13.91 -38.67 8.18
C PHE D 212 13.36 -39.80 7.32
N ARG D 213 14.14 -40.87 7.19
CA ARG D 213 13.67 -42.09 6.55
C ARG D 213 13.50 -43.16 7.62
N ASP D 214 12.25 -43.53 7.90
CA ASP D 214 11.89 -44.49 8.96
C ASP D 214 12.57 -44.18 10.29
N SER D 215 12.41 -42.94 10.76
CA SER D 215 13.05 -42.46 11.98
C SER D 215 14.59 -42.53 11.95
N ALA D 216 15.17 -42.03 10.86
CA ALA D 216 16.63 -41.90 10.71
C ALA D 216 16.96 -40.75 9.76
N LYS D 217 17.68 -39.75 10.26
CA LYS D 217 17.95 -38.51 9.52
C LYS D 217 18.69 -38.74 8.21
N ILE D 218 18.12 -38.18 7.15
CA ILE D 218 18.68 -38.26 5.81
C ILE D 218 19.75 -37.18 5.63
N ASP D 219 20.86 -37.57 5.02
CA ASP D 219 21.93 -36.62 4.68
C ASP D 219 21.98 -36.41 3.17
N GLU D 220 22.94 -35.59 2.72
CA GLU D 220 23.09 -35.22 1.30
C GLU D 220 21.87 -34.48 0.74
N THR D 221 20.92 -34.18 1.62
CA THR D 221 19.67 -33.51 1.25
C THR D 221 19.90 -32.06 0.83
N GLU D 222 19.21 -31.64 -0.22
CA GLU D 222 19.33 -30.28 -0.75
C GLU D 222 18.32 -29.36 -0.10
N SER D 223 18.77 -28.16 0.24
CA SER D 223 17.93 -27.18 0.91
C SER D 223 18.04 -25.80 0.28
N THR D 224 16.89 -25.25 -0.11
CA THR D 224 16.81 -23.82 -0.34
C THR D 224 16.93 -23.21 1.04
N GLY D 225 17.67 -22.11 1.16
CA GLY D 225 17.78 -21.44 2.46
C GLY D 225 16.42 -20.90 2.87
N VAL D 226 16.34 -20.36 4.08
CA VAL D 226 15.16 -19.60 4.48
C VAL D 226 15.09 -18.38 3.56
N ARG D 227 13.90 -18.11 3.03
CA ARG D 227 13.72 -16.98 2.11
C ARG D 227 12.38 -16.29 2.36
N PRO D 228 12.30 -14.99 2.03
CA PRO D 228 11.12 -14.23 2.42
C PRO D 228 9.93 -14.44 1.50
N ASN D 229 8.74 -14.39 2.07
CA ASN D 229 7.51 -14.22 1.32
C ASN D 229 7.25 -12.72 1.10
N HIS D 230 6.03 -12.39 0.71
CA HIS D 230 5.68 -11.01 0.34
C HIS D 230 5.10 -10.22 1.51
N ASP D 231 4.71 -10.94 2.56
CA ASP D 231 3.89 -10.36 3.63
C ASP D 231 4.62 -10.35 4.97
N GLY D 232 5.95 -10.36 4.93
CA GLY D 232 6.75 -10.40 6.15
C GLY D 232 6.91 -11.78 6.76
N SER D 233 6.40 -12.82 6.09
CA SER D 233 6.56 -14.20 6.53
C SER D 233 7.67 -14.88 5.73
N TYR D 234 8.00 -16.11 6.08
CA TYR D 234 9.10 -16.82 5.43
C TYR D 234 8.71 -18.20 4.93
N GLN D 235 9.60 -18.79 4.13
CA GLN D 235 9.39 -20.12 3.57
C GLN D 235 10.73 -20.85 3.36
N ILE D 236 10.66 -22.18 3.25
CA ILE D 236 11.84 -23.02 3.00
C ILE D 236 11.49 -24.37 2.38
N HIS D 237 12.27 -24.77 1.39
CA HIS D 237 12.17 -26.09 0.78
C HIS D 237 13.42 -26.93 1.05
N ARG D 238 13.24 -28.07 1.72
CA ARG D 238 14.30 -29.06 1.82
C ARG D 238 13.84 -30.33 1.11
N SER D 239 14.61 -30.72 0.10
CA SER D 239 14.25 -31.88 -0.73
C SER D 239 15.33 -32.94 -0.71
N THR D 240 14.91 -34.19 -0.89
CA THR D 240 15.81 -35.33 -0.95
C THR D 240 15.50 -36.19 -2.18
N GLU D 241 16.42 -37.07 -2.53
CA GLU D 241 16.18 -37.97 -3.63
C GLU D 241 15.17 -39.01 -3.15
N PHE D 242 14.39 -39.53 -4.07
CA PHE D 242 13.34 -40.45 -3.70
C PHE D 242 13.17 -41.59 -4.68
N ASP D 243 13.02 -42.81 -4.16
CA ASP D 243 12.40 -43.92 -4.90
C ASP D 243 11.10 -44.40 -4.28
N PRO D 244 10.07 -44.33 -5.09
CA PRO D 244 8.68 -44.62 -4.73
C PRO D 244 8.24 -46.05 -4.49
N ASN D 245 9.09 -47.02 -4.70
CA ASN D 245 8.70 -48.39 -4.53
C ASN D 245 9.00 -48.96 -3.14
N SER D 246 9.42 -48.14 -2.20
CA SER D 246 9.71 -48.62 -0.84
C SER D 246 8.46 -48.66 0.01
N GLN D 247 8.32 -49.64 0.90
CA GLN D 247 7.13 -49.62 1.76
C GLN D 247 7.55 -49.03 3.11
N ALA D 248 7.89 -47.74 3.08
CA ALA D 248 8.50 -47.06 4.21
C ALA D 248 7.90 -45.68 4.40
N LYS D 249 7.75 -45.26 5.66
CA LYS D 249 7.24 -43.94 5.97
C LYS D 249 8.36 -42.91 6.09
N TYR D 250 8.37 -41.96 5.16
CA TYR D 250 9.27 -40.81 5.20
C TYR D 250 8.64 -39.70 6.03
N SER D 251 9.44 -39.06 6.87
CA SER D 251 8.95 -37.97 7.72
C SER D 251 9.77 -36.69 7.64
N CYS D 252 9.08 -35.55 7.74
CA CYS D 252 9.70 -34.23 7.83
C CYS D 252 9.47 -33.67 9.23
N VAL D 253 10.56 -33.46 9.96
CA VAL D 253 10.48 -32.85 11.30
C VAL D 253 10.75 -31.34 11.21
N VAL D 254 9.90 -30.56 11.88
CA VAL D 254 9.94 -29.11 11.81
C VAL D 254 9.93 -28.48 13.20
N ASP D 255 10.98 -27.72 13.51
CA ASP D 255 11.05 -26.96 14.75
C ASP D 255 10.96 -25.46 14.51
N HIS D 256 9.94 -24.84 15.11
CA HIS D 256 9.76 -23.39 15.00
C HIS D 256 9.35 -22.81 16.36
N ASP D 257 9.19 -21.49 16.39
CA ASP D 257 8.74 -20.78 17.59
C ASP D 257 7.22 -20.74 17.72
N GLY D 258 6.54 -20.49 16.60
CA GLY D 258 5.08 -20.38 16.58
C GLY D 258 4.34 -21.68 16.79
N LEU D 259 5.09 -22.78 16.85
CA LEU D 259 4.52 -24.10 17.10
C LEU D 259 4.47 -24.40 18.60
N GLY D 260 5.59 -24.21 19.27
CA GLY D 260 5.74 -24.57 20.68
C GLY D 260 5.68 -26.08 20.88
N GLN D 261 5.48 -26.80 19.78
CA GLN D 261 5.38 -28.25 19.77
C GLN D 261 5.98 -28.76 18.47
N GLN D 262 6.96 -29.64 18.56
CA GLN D 262 7.60 -30.22 17.37
C GLN D 262 6.56 -30.79 16.42
N LEU D 263 6.77 -30.56 15.12
CA LEU D 263 5.80 -30.95 14.11
C LEU D 263 6.34 -32.06 13.23
N VAL D 264 5.50 -33.05 12.95
CA VAL D 264 5.85 -34.17 12.07
C VAL D 264 4.81 -34.34 10.95
N VAL D 265 5.31 -34.56 9.73
CA VAL D 265 4.44 -34.76 8.56
C VAL D 265 4.88 -35.96 7.71
N PHE D 266 3.90 -36.76 7.27
CA PHE D 266 4.14 -37.93 6.44
C PHE D 266 3.44 -37.78 5.08
N TYR D 267 3.80 -38.65 4.13
CA TYR D 267 3.22 -38.66 2.79
C TYR D 267 1.69 -38.76 2.79
N ALA E 1 34.75 -4.86 -2.13
CA ALA E 1 34.48 -6.28 -2.53
C ALA E 1 33.21 -6.39 -3.35
N THR E 2 33.22 -7.29 -4.33
CA THR E 2 32.05 -7.56 -5.16
C THR E 2 31.75 -9.05 -5.24
N SER E 3 30.49 -9.41 -5.02
CA SER E 3 30.03 -10.78 -5.17
C SER E 3 28.77 -10.80 -6.04
N SER E 4 28.64 -11.82 -6.85
CA SER E 4 27.48 -11.99 -7.72
C SER E 4 26.28 -12.53 -6.93
N PRO E 5 25.06 -12.18 -7.36
CA PRO E 5 23.87 -12.55 -6.59
C PRO E 5 23.46 -14.01 -6.67
N ASN E 6 23.03 -14.55 -5.54
CA ASN E 6 22.31 -15.81 -5.49
C ASN E 6 20.84 -15.49 -5.74
N VAL E 7 20.29 -16.03 -6.83
CA VAL E 7 18.95 -15.67 -7.27
C VAL E 7 18.00 -16.86 -7.28
N GLN E 8 16.84 -16.69 -6.66
CA GLN E 8 15.81 -17.71 -6.65
C GLN E 8 14.47 -17.15 -7.09
N VAL E 9 13.75 -17.92 -7.89
CA VAL E 9 12.41 -17.57 -8.33
C VAL E 9 11.44 -18.63 -7.81
N TYR E 10 10.47 -18.19 -7.03
CA TYR E 10 9.56 -19.11 -6.34
C TYR E 10 8.16 -18.52 -6.15
N THR E 11 7.28 -19.28 -5.48
CA THR E 11 5.92 -18.83 -5.19
C THR E 11 5.58 -18.98 -3.72
N TYR E 12 4.56 -18.25 -3.26
CA TYR E 12 4.16 -18.23 -1.85
C TYR E 12 3.64 -19.59 -1.38
N LYS E 13 2.62 -20.09 -2.06
CA LYS E 13 2.07 -21.42 -1.82
C LYS E 13 2.50 -22.34 -2.96
N LEU E 14 2.13 -23.61 -2.85
CA LEU E 14 2.32 -24.56 -3.95
C LEU E 14 1.49 -24.10 -5.14
N ILE E 15 2.13 -24.08 -6.30
CA ILE E 15 1.59 -23.43 -7.49
C ILE E 15 0.53 -24.26 -8.23
N LYS E 16 -0.64 -23.66 -8.42
CA LYS E 16 -1.76 -24.32 -9.12
C LYS E 16 -2.18 -23.50 -10.34
N GLU E 17 -2.36 -24.18 -11.46
CA GLU E 17 -2.82 -23.53 -12.69
C GLU E 17 -4.17 -22.87 -12.47
N GLY E 18 -4.26 -21.58 -12.82
CA GLY E 18 -5.50 -20.83 -12.71
C GLY E 18 -5.94 -20.53 -11.30
N GLU E 19 -4.99 -20.35 -10.39
CA GLU E 19 -5.29 -19.92 -9.02
C GLU E 19 -4.36 -18.79 -8.58
N SER E 20 -4.94 -17.77 -7.95
CA SER E 20 -4.20 -16.59 -7.49
C SER E 20 -3.14 -16.93 -6.46
N ASN E 21 -1.91 -16.51 -6.73
CA ASN E 21 -0.74 -16.76 -5.88
C ASN E 21 0.16 -15.53 -5.85
N VAL E 22 1.37 -15.69 -5.31
CA VAL E 22 2.39 -14.63 -5.37
C VAL E 22 3.67 -15.19 -5.99
N LEU E 23 4.20 -14.47 -6.98
CA LEU E 23 5.48 -14.79 -7.61
C LEU E 23 6.57 -13.94 -6.97
N LEU E 24 7.71 -14.56 -6.66
CA LEU E 24 8.80 -13.85 -5.98
C LEU E 24 10.17 -14.11 -6.62
N CYS E 25 11.02 -13.09 -6.61
CA CYS E 25 12.40 -13.18 -7.08
C CYS E 25 13.32 -12.61 -6.00
N HIS E 26 14.05 -13.50 -5.33
CA HIS E 26 14.93 -13.09 -4.22
C HIS E 26 16.41 -13.13 -4.59
N ALA E 27 17.11 -12.06 -4.26
CA ALA E 27 18.53 -11.94 -4.53
C ALA E 27 19.28 -11.70 -3.23
N LYS E 28 20.32 -12.51 -2.99
CA LYS E 28 21.13 -12.42 -1.79
C LYS E 28 22.62 -12.63 -2.09
N ASP E 29 23.46 -12.41 -1.08
CA ASP E 29 24.91 -12.62 -1.17
C ASP E 29 25.57 -11.87 -2.34
N PHE E 30 25.19 -10.59 -2.48
CA PHE E 30 25.74 -9.76 -3.54
C PHE E 30 26.21 -8.41 -3.03
N SER E 31 27.22 -7.87 -3.70
CA SER E 31 27.70 -6.51 -3.49
C SER E 31 28.40 -6.08 -4.77
N PRO E 32 28.31 -4.77 -5.14
CA PRO E 32 27.58 -3.68 -4.50
C PRO E 32 26.08 -3.79 -4.77
N PRO E 33 25.26 -2.88 -4.21
CA PRO E 33 23.82 -2.99 -4.39
C PRO E 33 23.29 -2.39 -5.70
N ASN E 34 24.16 -2.28 -6.71
CA ASN E 34 23.78 -1.78 -8.03
C ASN E 34 23.07 -2.84 -8.88
N ILE E 35 21.96 -3.35 -8.35
CA ILE E 35 21.25 -4.48 -8.92
C ILE E 35 19.86 -4.09 -9.44
N LYS E 36 19.35 -4.84 -10.41
CA LYS E 36 18.00 -4.65 -10.92
C LYS E 36 17.28 -5.98 -11.05
N LEU E 37 16.04 -6.02 -10.58
CA LEU E 37 15.21 -7.21 -10.66
C LEU E 37 13.97 -6.94 -11.49
N GLU E 38 13.68 -7.83 -12.42
CA GLU E 38 12.51 -7.74 -13.27
C GLU E 38 11.79 -9.09 -13.30
N LEU E 39 10.49 -9.07 -13.04
CA LEU E 39 9.67 -10.27 -13.15
C LEU E 39 9.08 -10.40 -14.55
N LEU E 40 9.25 -11.58 -15.13
CA LEU E 40 8.88 -11.82 -16.53
C LEU E 40 7.79 -12.88 -16.67
N GLU E 41 6.79 -12.56 -17.48
CA GLU E 41 5.79 -13.52 -17.89
C GLU E 41 5.93 -13.68 -19.40
N ASN E 42 6.41 -14.86 -19.81
CA ASN E 42 6.74 -15.15 -21.21
C ASN E 42 7.81 -14.21 -21.79
N GLY E 43 8.79 -13.85 -20.95
CA GLY E 43 9.86 -12.95 -21.35
C GLY E 43 9.41 -11.50 -21.43
N ARG E 44 8.18 -11.24 -20.96
CA ARG E 44 7.64 -9.89 -20.94
C ARG E 44 7.41 -9.41 -19.52
N ILE E 45 7.87 -8.19 -19.22
CA ILE E 45 7.90 -7.67 -17.87
C ILE E 45 6.52 -7.43 -17.27
N ILE E 46 6.31 -8.03 -16.11
CA ILE E 46 5.06 -7.89 -15.36
C ILE E 46 5.02 -6.53 -14.67
N PRO E 47 3.97 -5.74 -14.94
CA PRO E 47 3.82 -4.45 -14.29
C PRO E 47 3.32 -4.59 -12.85
N ASN E 48 3.35 -3.49 -12.11
CA ASN E 48 2.69 -3.37 -10.80
C ASN E 48 3.31 -4.22 -9.68
N THR E 49 4.57 -4.57 -9.85
CA THR E 49 5.29 -5.32 -8.82
C THR E 49 5.81 -4.33 -7.76
N THR E 50 5.94 -4.81 -6.53
CA THR E 50 6.65 -4.04 -5.52
C THR E 50 7.93 -4.77 -5.13
N GLN E 51 8.92 -4.00 -4.69
CA GLN E 51 10.20 -4.55 -4.29
C GLN E 51 10.54 -4.09 -2.89
N SER E 52 10.97 -5.02 -2.05
CA SER E 52 11.35 -4.74 -0.66
C SER E 52 12.41 -3.64 -0.56
N ASP E 53 12.57 -3.10 0.64
CA ASP E 53 13.61 -2.10 0.88
C ASP E 53 14.95 -2.80 1.01
N LEU E 54 15.97 -2.23 0.37
CA LEU E 54 17.33 -2.77 0.45
C LEU E 54 17.79 -3.00 1.88
N SER E 55 18.19 -4.23 2.16
CA SER E 55 18.72 -4.60 3.47
C SER E 55 19.98 -5.45 3.28
N PHE E 56 20.72 -5.68 4.37
CA PHE E 56 21.94 -6.49 4.30
C PHE E 56 22.15 -7.39 5.50
N GLU E 57 23.01 -8.39 5.32
CA GLU E 57 23.30 -9.40 6.33
C GLU E 57 24.54 -9.01 7.12
N SER E 58 24.90 -9.80 8.12
CA SER E 58 26.07 -9.51 8.97
C SER E 58 27.39 -9.45 8.21
N ASP E 59 27.51 -10.20 7.11
CA ASP E 59 28.71 -10.15 6.28
C ASP E 59 28.64 -9.03 5.25
N TRP E 60 27.72 -8.08 5.49
CA TRP E 60 27.51 -6.91 4.64
C TRP E 60 26.91 -7.22 3.26
N SER E 61 26.57 -8.49 3.01
CA SER E 61 25.95 -8.85 1.73
C SER E 61 24.48 -8.43 1.68
N PHE E 62 24.07 -7.89 0.54
CA PHE E 62 22.74 -7.34 0.39
C PHE E 62 21.68 -8.38 0.04
N LYS E 63 20.46 -8.14 0.52
CA LYS E 63 19.28 -8.92 0.13
C LYS E 63 18.20 -8.00 -0.43
N LEU E 64 17.39 -8.54 -1.33
CA LEU E 64 16.38 -7.76 -2.04
C LEU E 64 15.36 -8.71 -2.66
N THR E 65 14.09 -8.32 -2.61
CA THR E 65 13.01 -9.18 -3.10
C THR E 65 12.00 -8.39 -3.93
N ARG E 66 11.74 -8.87 -5.14
CA ARG E 66 10.66 -8.34 -5.96
C ARG E 66 9.56 -9.38 -6.09
N TYR E 67 8.31 -8.93 -5.96
CA TYR E 67 7.15 -9.83 -5.97
C TYR E 67 5.90 -9.17 -6.55
N VAL E 68 4.94 -10.00 -6.91
CA VAL E 68 3.64 -9.54 -7.40
C VAL E 68 2.58 -10.63 -7.25
N GLU E 69 1.36 -10.21 -6.92
CA GLU E 69 0.20 -11.09 -6.88
C GLU E 69 -0.13 -11.49 -8.30
N PHE E 70 -0.21 -12.79 -8.56
CA PHE E 70 -0.42 -13.26 -9.93
C PHE E 70 -1.29 -14.50 -10.01
N THR E 71 -1.82 -14.74 -11.20
CA THR E 71 -2.56 -15.95 -11.50
C THR E 71 -1.73 -16.78 -12.50
N PRO E 72 -1.05 -17.82 -12.00
CA PRO E 72 -0.26 -18.74 -12.83
C PRO E 72 -1.09 -19.36 -13.96
N GLN E 73 -0.58 -19.26 -15.18
CA GLN E 73 -1.29 -19.78 -16.35
C GLN E 73 -0.55 -20.96 -16.98
N SER E 74 -1.32 -21.94 -17.44
CA SER E 74 -0.82 -23.23 -17.91
C SER E 74 0.32 -23.14 -18.93
N GLY E 75 0.08 -22.43 -20.02
CA GLY E 75 1.07 -22.32 -21.10
C GLY E 75 2.18 -21.33 -20.83
N TYR E 76 2.06 -20.61 -19.71
CA TYR E 76 2.92 -19.46 -19.44
C TYR E 76 4.21 -19.79 -18.69
N LYS E 77 5.32 -19.20 -19.14
CA LYS E 77 6.63 -19.34 -18.50
C LYS E 77 6.94 -18.12 -17.64
N TYR E 78 7.47 -18.38 -16.44
CA TYR E 78 7.80 -17.30 -15.52
C TYR E 78 9.29 -17.29 -15.22
N SER E 79 9.89 -16.11 -15.31
CA SER E 79 11.30 -15.94 -15.03
C SER E 79 11.60 -14.59 -14.35
N CYS E 80 12.85 -14.41 -13.94
CA CYS E 80 13.31 -13.15 -13.38
C CYS E 80 14.64 -12.73 -14.00
N MET E 81 14.67 -11.54 -14.58
CA MET E 81 15.89 -10.99 -15.14
C MET E 81 16.61 -10.16 -14.10
N VAL E 82 17.86 -10.51 -13.83
CA VAL E 82 18.67 -9.83 -12.83
C VAL E 82 19.85 -9.14 -13.50
N THR E 83 20.02 -7.84 -13.23
CA THR E 83 21.14 -7.09 -13.76
C THR E 83 22.01 -6.60 -12.60
N HIS E 84 23.22 -7.14 -12.52
CA HIS E 84 24.16 -6.76 -11.46
C HIS E 84 25.47 -6.28 -12.07
N ASN E 85 25.97 -5.15 -11.58
CA ASN E 85 27.12 -4.48 -12.20
C ASN E 85 26.84 -4.25 -13.68
N GLY E 86 27.69 -4.79 -14.55
CA GLY E 86 27.46 -4.73 -15.99
C GLY E 86 26.89 -6.02 -16.55
N ASP E 87 26.62 -6.98 -15.69
CA ASP E 87 26.22 -8.33 -16.12
C ASP E 87 24.73 -8.58 -15.89
N SER E 88 24.07 -9.10 -16.93
CA SER E 88 22.65 -9.42 -16.86
C SER E 88 22.42 -10.90 -17.08
N LYS E 89 21.70 -11.54 -16.16
CA LYS E 89 21.39 -12.95 -16.27
C LYS E 89 19.92 -13.22 -15.95
N GLU E 90 19.36 -14.25 -16.57
CA GLU E 90 17.95 -14.58 -16.37
C GLU E 90 17.79 -15.94 -15.71
N ILE E 91 16.92 -16.00 -14.70
CA ILE E 91 16.66 -17.25 -13.98
C ILE E 91 15.20 -17.64 -14.11
N GLN E 92 14.95 -18.85 -14.60
CA GLN E 92 13.60 -19.40 -14.74
C GLN E 92 13.01 -19.78 -13.40
N LEU E 93 11.68 -19.80 -13.34
CA LEU E 93 10.96 -20.34 -12.21
C LEU E 93 11.11 -21.86 -12.23
N ASP E 94 11.96 -22.38 -11.34
CA ASP E 94 12.09 -23.83 -11.19
C ASP E 94 10.79 -24.38 -10.61
N ARG E 95 10.15 -25.25 -11.37
CA ARG E 95 8.81 -25.73 -11.05
C ARG E 95 8.76 -27.24 -11.17
N TYR E 96 8.22 -27.88 -10.14
CA TYR E 96 8.13 -29.33 -10.12
C TYR E 96 6.72 -29.83 -9.88
N PHE F 1 13.61 3.65 17.36
CA PHE F 1 14.27 4.96 17.59
C PHE F 1 15.69 4.91 17.05
N ALA F 2 15.93 5.61 15.94
CA ALA F 2 17.22 5.55 15.27
C ALA F 2 18.33 6.22 16.09
N ASN F 3 19.51 5.60 16.07
CA ASN F 3 20.73 6.16 16.62
C ASN F 3 20.94 7.55 16.02
N PHE F 4 21.32 8.53 16.85
CA PHE F 4 21.53 9.89 16.36
C PHE F 4 22.92 10.44 16.65
N PHE F 5 23.83 9.57 17.08
CA PHE F 5 25.19 9.99 17.40
C PHE F 5 26.09 9.88 16.17
N ILE F 6 26.49 11.06 15.67
CA ILE F 6 27.18 11.17 14.39
C ILE F 6 28.44 12.03 14.49
N ARG F 7 29.58 11.44 14.17
CA ARG F 7 30.84 12.17 14.06
C ARG F 7 31.52 11.90 12.72
N GLY F 8 32.30 12.89 12.26
CA GLY F 8 33.03 12.77 10.99
C GLY F 8 34.08 11.68 11.02
N LEU F 9 34.31 11.06 9.86
CA LEU F 9 35.36 10.05 9.72
C LEU F 9 36.75 10.66 9.84
#